data_9FXU
#
_entry.id   9FXU
#
_cell.length_a   53.706
_cell.length_b   63.424
_cell.length_c   70.306
_cell.angle_alpha   99.553
_cell.angle_beta   105.153
_cell.angle_gamma   99.268
#
_symmetry.space_group_name_H-M   'P 1'
#
loop_
_entity.id
_entity.type
_entity.pdbx_description
1 polymer 'Isoform 2 of Autotaxin'
2 branched alpha-D-mannopyranose-(1-6)-beta-D-mannopyranose-(1-4)-2-acetamido-2-deoxy-beta-D-glucopyranose-(1-4)-2-acetamido-2-deoxy-beta-D-glucopyranose
3 non-polymer N-(2-(3-((4-(4-fluorophenyl)thiazol-2-yl)(methyl)amino)-6-(1-(methylsulfonyl)piperidin-4-yl)imidazo[1,2-b]pyridazin-2-yl)ethyl)-2-oxo-2,3-dihydrobenzo[d]oxazole-6-carboxamide
4 non-polymer 'ZINC ION'
5 non-polymer 'CALCIUM ION'
6 non-polymer 'IODIDE ION'
7 non-polymer 'THIOCYANATE ION'
8 non-polymer GLYCEROL
9 water water
#
_entity_poly.entity_id   1
_entity_poly.type   'polypeptide(L)'
_entity_poly.pdbx_seq_one_letter_code
;GSCKGRCFELQEVGPPDCRCDNLCKSYSSCCHDFDELCLKTARGWECTKDRCGEVRNEENACHCSEDCLSRGDCCTNYQV
VCKGESHWVDDDCEEIKVPECPAGFVRPPLIIFSVDGFRASYMKKGSKVMPNIEKLRSCGTHAPYMRPVYPTKTFPNLYT
LATGLYPESHGIVGNSMYDPVFDASFHLRGREKFNHRWWGGQPLWITATKQGVRAGTFFWSVSIPHERRILTILQWLSLP
DNERPSVYAFYSEQPDFSGHKYGPFGPEMTNPLREIDKTVGQLMDGLKQLRLHRCVNVIFVGDHGMEDVTCDRTEFLSNY
LTNVDDITLVPGTLGRIRAKSINNSKYDPKTIIAALTCKKPDQHFKPYMKQHLPKRLHYANNRRIEDIHLLVDRRWHVAR
KPLDVYKKPSGKCFFQGDHGFDNKVNSMQTVFVGYGPTFKYRTKVPPFENIELYNVMCDLLGLKPAPNNGTHGSLNHLLR
TNTFRPTMPDEVSRPNYPGIMYLQSEFDLGCTCDDKVEPKNKLEELNKRLHTKGSTKERHLLYGRPAVLYRTSYDILYHT
DFESGYSEIFLMPLWTSYTISKQAEVSSIPEHLTNCVRPDVRVSPGFSQNCLAYKNDKQMSYGFLFPPYLSSSPEAKYDA
FLVTNMVPMYPAFKRVWAYFQRVLVKKYASERNGVNVISGPIFDYNYDGLRDTEDEIKQYVEGSSIPVPTHYYSIITSCL
DFTQPADKCDGPLSVSSFILPHRPDNDESCNSSEDESKWVEELMKMHTARVRDIEHLTGLDFYRKTSRSYSEILTLKTYL
HTYESEI
;
_entity_poly.pdbx_strand_id   A
#
loop_
_chem_comp.id
_chem_comp.type
_chem_comp.name
_chem_comp.formula
A1IGZ non-polymer N-(2-(3-((4-(4-fluorophenyl)thiazol-2-yl)(methyl)amino)-6-(1-(methylsulfonyl)piperidin-4-yl)imidazo[1,2-b]pyridazin-2-yl)ethyl)-2-oxo-2,3-dihydrobenzo[d]oxazole-6-carboxamide 'C32 H31 F N8 O5 S2'
BMA D-saccharide, beta linking beta-D-mannopyranose 'C6 H12 O6'
CA non-polymer 'CALCIUM ION' 'Ca 2'
GOL non-polymer GLYCEROL 'C3 H8 O3'
IOD non-polymer 'IODIDE ION' 'I -1'
MAN D-saccharide, alpha linking alpha-D-mannopyranose 'C6 H12 O6'
NAG D-saccharide, beta linking 2-acetamido-2-deoxy-beta-D-glucopyranose 'C8 H15 N O6'
SCN non-polymer 'THIOCYANATE ION' 'C N S -1'
ZN non-polymer 'ZINC ION' 'Zn 2'
#
# COMPACT_ATOMS: atom_id res chain seq x y z
N GLY A 1 -15.02 -21.57 39.34
CA GLY A 1 -14.10 -22.11 38.34
C GLY A 1 -14.86 -22.75 37.17
N SER A 2 -15.79 -21.98 36.60
CA SER A 2 -16.65 -22.46 35.54
C SER A 2 -16.99 -21.35 34.55
N CYS A 3 -17.38 -21.76 33.32
CA CYS A 3 -17.74 -20.83 32.27
C CYS A 3 -19.25 -20.65 32.13
N LYS A 4 -20.00 -21.25 33.05
CA LYS A 4 -21.44 -21.16 33.05
C LYS A 4 -21.80 -19.69 33.16
N GLY A 5 -22.49 -19.18 32.13
CA GLY A 5 -22.86 -17.77 32.07
C GLY A 5 -21.72 -16.85 31.65
N ARG A 6 -20.60 -17.41 31.21
CA ARG A 6 -19.40 -16.65 30.92
C ARG A 6 -18.75 -16.94 29.56
N CYS A 7 -19.40 -17.74 28.70
CA CYS A 7 -18.79 -18.14 27.44
C CYS A 7 -18.50 -16.94 26.54
N PHE A 8 -17.24 -16.79 26.11
CA PHE A 8 -16.80 -15.67 25.28
C PHE A 8 -17.12 -14.33 25.92
N GLU A 9 -16.99 -14.27 27.25
CA GLU A 9 -17.12 -13.03 27.99
C GLU A 9 -16.07 -12.06 27.49
N LEU A 10 -16.43 -10.78 27.48
CA LEU A 10 -15.51 -9.71 27.09
C LEU A 10 -14.55 -9.34 28.22
N GLN A 11 -14.75 -9.93 29.41
CA GLN A 11 -13.78 -9.86 30.49
C GLN A 11 -12.62 -10.83 30.28
N GLU A 12 -11.46 -10.51 30.88
CA GLU A 12 -10.41 -11.49 31.08
C GLU A 12 -10.00 -11.45 32.56
N VAL A 13 -9.54 -12.58 33.06
CA VAL A 13 -9.37 -12.80 34.50
C VAL A 13 -8.21 -13.75 34.78
N GLY A 14 -7.82 -13.84 36.07
CA GLY A 14 -6.95 -14.89 36.58
C GLY A 14 -5.45 -14.63 36.48
N PRO A 15 -4.59 -15.38 37.20
CA PRO A 15 -4.99 -16.48 38.09
C PRO A 15 -5.34 -16.01 39.51
N PRO A 16 -5.95 -16.86 40.38
CA PRO A 16 -6.19 -18.28 40.13
C PRO A 16 -7.48 -18.57 39.34
N ASP A 17 -8.18 -17.51 38.93
CA ASP A 17 -9.42 -17.60 38.18
C ASP A 17 -9.12 -18.09 36.76
N CYS A 18 -10.01 -18.95 36.23
CA CYS A 18 -9.88 -19.51 34.89
C CYS A 18 -10.74 -18.73 33.90
N ARG A 19 -10.32 -18.73 32.63
CA ARG A 19 -10.88 -17.84 31.62
C ARG A 19 -11.91 -18.51 30.72
N CYS A 20 -12.73 -17.71 30.06
CA CYS A 20 -13.77 -18.22 29.18
C CYS A 20 -13.86 -17.37 27.93
N ASP A 21 -12.80 -16.62 27.62
CA ASP A 21 -12.79 -15.69 26.51
C ASP A 21 -12.31 -16.32 25.20
N ASN A 22 -12.34 -15.54 24.13
CA ASN A 22 -12.01 -16.02 22.80
C ASN A 22 -10.61 -16.60 22.66
N LEU A 23 -9.74 -16.33 23.63
CA LEU A 23 -8.35 -16.76 23.51
C LEU A 23 -7.86 -17.62 24.67
N CYS A 24 -8.79 -18.12 25.48
CA CYS A 24 -8.38 -18.89 26.65
C CYS A 24 -7.62 -20.15 26.21
N LYS A 25 -8.01 -20.73 25.08
CA LYS A 25 -7.38 -21.94 24.59
C LYS A 25 -5.94 -21.73 24.14
N SER A 26 -5.70 -20.61 23.48
CA SER A 26 -4.37 -20.27 23.00
C SER A 26 -3.40 -20.09 24.16
N TYR A 27 -3.93 -19.87 25.38
CA TYR A 27 -3.09 -19.81 26.56
C TYR A 27 -3.30 -21.06 27.42
N SER A 28 -4.09 -22.00 26.89
CA SER A 28 -4.47 -23.17 27.64
C SER A 28 -4.93 -22.79 29.05
N SER A 29 -5.88 -21.84 29.12
CA SER A 29 -6.26 -21.24 30.39
C SER A 29 -7.76 -21.26 30.64
N CYS A 30 -8.50 -22.05 29.86
CA CYS A 30 -9.94 -22.11 30.03
C CYS A 30 -10.32 -22.88 31.29
N CYS A 31 -11.54 -22.65 31.75
CA CYS A 31 -12.09 -23.41 32.86
C CYS A 31 -12.33 -24.85 32.43
N HIS A 32 -12.48 -25.73 33.42
CA HIS A 32 -12.70 -27.14 33.15
C HIS A 32 -13.84 -27.36 32.16
N ASP A 33 -14.91 -26.56 32.26
CA ASP A 33 -16.08 -26.76 31.41
C ASP A 33 -16.24 -25.88 30.15
N PHE A 34 -15.14 -25.30 29.66
CA PHE A 34 -15.20 -24.44 28.49
C PHE A 34 -15.69 -25.23 27.28
N ASP A 35 -14.91 -26.24 26.90
CA ASP A 35 -15.24 -27.02 25.73
C ASP A 35 -16.67 -27.55 25.82
N GLU A 36 -17.14 -27.86 27.04
CA GLU A 36 -18.48 -28.37 27.23
C GLU A 36 -19.53 -27.31 26.98
N LEU A 37 -19.38 -26.16 27.65
CA LEU A 37 -20.43 -25.15 27.63
C LEU A 37 -20.25 -24.12 26.53
N CYS A 38 -19.02 -23.97 26.04
CA CYS A 38 -18.74 -22.89 25.10
C CYS A 38 -18.51 -23.42 23.69
N LEU A 39 -17.86 -24.58 23.58
CA LEU A 39 -17.62 -25.18 22.28
C LEU A 39 -18.60 -26.32 21.99
N LYS A 40 -19.91 -26.04 22.14
CA LYS A 40 -20.96 -27.01 21.90
C LYS A 40 -21.26 -27.22 20.42
N THR A 41 -21.61 -28.47 20.08
CA THR A 41 -21.94 -28.83 18.71
C THR A 41 -23.27 -29.57 18.55
N ALA A 42 -23.90 -29.95 19.67
CA ALA A 42 -25.07 -30.82 19.62
C ALA A 42 -26.15 -30.25 18.71
N ARG A 43 -26.58 -31.09 17.74
CA ARG A 43 -27.65 -30.79 16.80
C ARG A 43 -27.30 -29.74 15.74
N GLY A 44 -26.00 -29.51 15.53
CA GLY A 44 -25.55 -28.61 14.48
C GLY A 44 -25.90 -27.14 14.67
N TRP A 45 -25.86 -26.40 13.56
CA TRP A 45 -25.99 -24.96 13.57
C TRP A 45 -27.21 -24.43 12.82
N GLU A 46 -28.13 -25.34 12.50
CA GLU A 46 -29.35 -24.99 11.79
C GLU A 46 -30.58 -25.54 12.50
N CYS A 47 -31.63 -24.71 12.61
CA CYS A 47 -32.91 -25.19 13.10
C CYS A 47 -33.52 -26.14 12.06
N THR A 48 -34.49 -26.92 12.52
CA THR A 48 -35.29 -27.82 11.71
C THR A 48 -36.72 -27.63 12.19
N LYS A 49 -37.70 -27.73 11.26
CA LYS A 49 -39.11 -27.63 11.62
C LYS A 49 -39.38 -28.34 12.95
N ASP A 50 -38.78 -29.52 13.09
CA ASP A 50 -38.81 -30.30 14.33
C ASP A 50 -38.60 -29.48 15.60
N ARG A 51 -37.56 -28.64 15.60
CA ARG A 51 -37.12 -27.95 16.80
C ARG A 51 -37.87 -26.66 17.13
N CYS A 52 -38.78 -26.23 16.25
CA CYS A 52 -39.46 -24.95 16.44
C CYS A 52 -40.32 -24.95 17.71
N GLY A 53 -40.01 -24.03 18.63
CA GLY A 53 -40.74 -23.89 19.87
C GLY A 53 -40.27 -24.84 20.97
N GLU A 54 -39.13 -25.51 20.75
CA GLU A 54 -38.53 -26.36 21.76
C GLU A 54 -38.38 -25.58 23.07
N VAL A 55 -38.49 -26.28 24.20
CA VAL A 55 -38.07 -25.72 25.47
C VAL A 55 -36.54 -25.73 25.42
N ARG A 56 -35.95 -24.66 25.95
CA ARG A 56 -34.51 -24.50 25.94
C ARG A 56 -33.80 -25.70 26.57
N ASN A 57 -32.98 -26.37 25.75
CA ASN A 57 -32.02 -27.36 26.20
C ASN A 57 -30.64 -26.72 26.05
N GLU A 58 -29.97 -26.48 27.18
CA GLU A 58 -28.70 -25.78 27.20
C GLU A 58 -27.55 -26.56 26.58
N GLU A 59 -27.75 -27.85 26.28
CA GLU A 59 -26.72 -28.64 25.62
C GLU A 59 -26.65 -28.48 24.11
N ASN A 60 -27.62 -27.79 23.50
CA ASN A 60 -27.61 -27.52 22.07
C ASN A 60 -26.66 -26.39 21.68
N ALA A 61 -26.07 -26.50 20.51
CA ALA A 61 -25.10 -25.54 20.03
C ALA A 61 -25.75 -24.18 19.86
N CYS A 62 -26.97 -24.19 19.30
CA CYS A 62 -27.79 -23.00 19.17
C CYS A 62 -29.24 -23.44 19.25
N HIS A 63 -30.12 -22.48 19.52
CA HIS A 63 -31.46 -22.78 20.01
C HIS A 63 -32.55 -22.36 19.03
N CYS A 64 -33.70 -23.03 19.12
CA CYS A 64 -34.86 -22.74 18.28
C CYS A 64 -36.07 -22.39 19.14
N SER A 65 -35.80 -21.91 20.37
CA SER A 65 -36.83 -21.54 21.33
C SER A 65 -37.31 -20.11 21.17
N GLU A 66 -38.41 -19.78 21.85
CA GLU A 66 -39.00 -18.47 21.82
C GLU A 66 -38.17 -17.42 22.56
N ASP A 67 -37.33 -17.88 23.49
CA ASP A 67 -36.48 -16.97 24.23
C ASP A 67 -35.13 -16.72 23.53
N CYS A 68 -34.86 -17.42 22.42
CA CYS A 68 -33.51 -17.43 21.88
C CYS A 68 -33.06 -16.06 21.37
N LEU A 69 -33.99 -15.29 20.82
CA LEU A 69 -33.68 -13.96 20.33
C LEU A 69 -33.20 -13.05 21.45
N SER A 70 -33.84 -13.12 22.62
CA SER A 70 -33.45 -12.29 23.74
C SER A 70 -31.97 -12.44 24.13
N ARG A 71 -31.44 -13.65 23.92
CA ARG A 71 -30.04 -13.94 24.24
C ARG A 71 -29.12 -13.84 23.04
N GLY A 72 -29.71 -13.79 21.84
CA GLY A 72 -28.95 -13.80 20.60
C GLY A 72 -28.25 -15.12 20.32
N ASP A 73 -28.82 -16.23 20.82
CA ASP A 73 -28.24 -17.55 20.65
C ASP A 73 -29.13 -18.48 19.83
N CYS A 74 -29.99 -17.89 18.99
CA CYS A 74 -30.75 -18.67 18.02
C CYS A 74 -29.76 -19.23 16.99
N CYS A 75 -30.12 -20.37 16.40
CA CYS A 75 -29.51 -20.76 15.16
C CYS A 75 -29.86 -19.68 14.15
N THR A 76 -28.94 -19.41 13.23
CA THR A 76 -29.04 -18.20 12.42
C THR A 76 -30.26 -18.25 11.51
N ASN A 77 -30.74 -19.46 11.20
CA ASN A 77 -31.89 -19.62 10.32
C ASN A 77 -33.21 -19.83 11.08
N TYR A 78 -33.26 -19.39 12.34
CA TYR A 78 -34.40 -19.65 13.20
C TYR A 78 -35.70 -19.04 12.65
N GLN A 79 -35.64 -17.75 12.30
CA GLN A 79 -36.83 -17.06 11.82
C GLN A 79 -37.22 -17.53 10.43
N VAL A 80 -36.24 -18.01 9.66
CA VAL A 80 -36.51 -18.58 8.35
C VAL A 80 -37.34 -19.85 8.49
N VAL A 81 -36.92 -20.73 9.40
CA VAL A 81 -37.56 -22.03 9.57
C VAL A 81 -38.83 -21.94 10.41
N CYS A 82 -38.79 -21.15 11.49
CA CYS A 82 -39.83 -21.17 12.50
C CYS A 82 -40.77 -19.97 12.48
N LYS A 83 -40.49 -18.94 11.67
CA LYS A 83 -41.36 -17.78 11.60
C LYS A 83 -41.71 -17.39 10.16
N GLY A 84 -41.41 -18.27 9.19
CA GLY A 84 -41.75 -18.04 7.80
C GLY A 84 -41.02 -16.86 7.17
N GLU A 85 -39.87 -16.50 7.73
CA GLU A 85 -39.10 -15.36 7.28
C GLU A 85 -38.21 -15.82 6.11
N SER A 86 -37.71 -14.85 5.35
CA SER A 86 -36.84 -15.15 4.23
C SER A 86 -35.37 -15.03 4.63
N HIS A 87 -34.54 -15.94 4.10
CA HIS A 87 -33.10 -15.77 4.09
C HIS A 87 -32.76 -14.40 3.52
N TRP A 88 -31.80 -13.72 4.16
CA TRP A 88 -31.33 -12.41 3.72
C TRP A 88 -30.94 -12.38 2.26
N VAL A 89 -30.22 -13.42 1.82
CA VAL A 89 -29.69 -13.48 0.47
C VAL A 89 -30.82 -13.49 -0.56
N ASP A 90 -31.96 -14.08 -0.20
CA ASP A 90 -33.09 -14.16 -1.10
C ASP A 90 -33.91 -12.87 -1.18
N ASP A 91 -33.64 -11.89 -0.30
CA ASP A 91 -34.29 -10.59 -0.38
C ASP A 91 -33.61 -9.68 -1.40
N ASP A 92 -34.41 -8.83 -2.07
CA ASP A 92 -33.87 -7.84 -3.00
C ASP A 92 -33.00 -6.80 -2.30
N CYS A 93 -31.91 -6.37 -2.96
CA CYS A 93 -31.16 -5.20 -2.50
C CYS A 93 -32.17 -4.09 -2.30
N GLU A 94 -32.12 -3.47 -1.12
CA GLU A 94 -32.87 -2.26 -0.88
C GLU A 94 -31.86 -1.27 -0.30
N GLU A 95 -31.88 -0.06 -0.83
CA GLU A 95 -30.99 0.98 -0.38
C GLU A 95 -31.20 1.32 1.09
N ILE A 96 -30.11 1.57 1.80
CA ILE A 96 -30.13 1.91 3.21
C ILE A 96 -29.58 3.33 3.35
N LYS A 97 -30.49 4.31 3.33
CA LYS A 97 -30.12 5.71 3.35
C LYS A 97 -29.72 6.18 4.75
N VAL A 98 -30.34 5.56 5.78
CA VAL A 98 -30.14 5.96 7.15
C VAL A 98 -29.98 4.67 7.97
N PRO A 99 -29.17 4.63 9.04
CA PRO A 99 -29.14 3.45 9.90
C PRO A 99 -30.47 3.15 10.59
N GLU A 100 -30.95 1.90 10.41
CA GLU A 100 -32.16 1.41 11.03
C GLU A 100 -31.84 0.43 12.15
N CYS A 101 -31.78 0.94 13.37
CA CYS A 101 -31.27 0.17 14.50
C CYS A 101 -32.34 -0.06 15.57
N PRO A 102 -32.22 -1.15 16.36
CA PRO A 102 -33.06 -1.33 17.55
C PRO A 102 -32.89 -0.19 18.55
N ALA A 103 -33.82 -0.12 19.49
CA ALA A 103 -33.82 0.92 20.50
C ALA A 103 -32.56 0.85 21.36
N GLY A 104 -31.96 2.03 21.62
CA GLY A 104 -30.80 2.14 22.50
C GLY A 104 -29.45 2.14 21.78
N PHE A 105 -29.45 1.75 20.50
CA PHE A 105 -28.25 1.82 19.69
C PHE A 105 -27.92 3.29 19.45
N VAL A 106 -26.68 3.69 19.76
CA VAL A 106 -26.26 5.07 19.63
C VAL A 106 -25.46 5.32 18.34
N ARG A 107 -24.87 4.25 17.79
CA ARG A 107 -24.22 4.34 16.50
C ARG A 107 -24.39 3.02 15.75
N PRO A 108 -24.35 3.04 14.41
CA PRO A 108 -24.33 1.80 13.62
C PRO A 108 -23.06 1.01 13.92
N PRO A 109 -23.16 -0.27 14.33
CA PRO A 109 -21.97 -1.06 14.61
C PRO A 109 -21.24 -1.41 13.31
N LEU A 110 -19.97 -1.75 13.46
CA LEU A 110 -19.16 -2.17 12.35
C LEU A 110 -18.74 -3.62 12.60
N ILE A 111 -18.99 -4.47 11.61
CA ILE A 111 -18.49 -5.84 11.65
C ILE A 111 -17.49 -5.98 10.52
N ILE A 112 -16.28 -6.35 10.89
CA ILE A 112 -15.25 -6.65 9.92
C ILE A 112 -15.22 -8.16 9.76
N PHE A 113 -15.56 -8.61 8.54
CA PHE A 113 -15.51 -10.01 8.18
C PHE A 113 -14.23 -10.25 7.38
N SER A 114 -13.16 -10.68 8.06
CA SER A 114 -11.88 -10.87 7.39
C SER A 114 -11.73 -12.32 6.96
N VAL A 115 -11.27 -12.50 5.72
CA VAL A 115 -11.06 -13.82 5.17
C VAL A 115 -9.61 -13.92 4.71
N ASP A 116 -8.93 -14.96 5.18
CA ASP A 116 -7.53 -15.15 4.91
C ASP A 116 -7.30 -15.79 3.54
N GLY A 117 -6.40 -15.19 2.75
CA GLY A 117 -5.99 -15.75 1.48
C GLY A 117 -7.07 -15.71 0.39
N PHE A 118 -8.03 -14.79 0.56
CA PHE A 118 -9.12 -14.63 -0.39
C PHE A 118 -8.63 -13.75 -1.53
N ARG A 119 -8.18 -14.38 -2.61
CA ARG A 119 -7.76 -13.67 -3.80
C ARG A 119 -8.93 -12.97 -4.50
N ALA A 120 -8.63 -11.80 -5.07
CA ALA A 120 -9.62 -10.97 -5.74
C ALA A 120 -10.39 -11.75 -6.80
N SER A 121 -9.67 -12.58 -7.55
CA SER A 121 -10.23 -13.27 -8.70
C SER A 121 -11.25 -14.32 -8.29
N TYR A 122 -11.19 -14.79 -7.04
CA TYR A 122 -12.22 -15.67 -6.50
C TYR A 122 -13.63 -15.10 -6.57
N MET A 123 -13.77 -13.77 -6.53
CA MET A 123 -15.05 -13.10 -6.65
C MET A 123 -15.79 -13.42 -7.95
N LYS A 124 -15.03 -13.79 -8.99
CA LYS A 124 -15.61 -14.12 -10.27
C LYS A 124 -16.41 -15.42 -10.24
N LYS A 125 -16.13 -16.29 -9.26
CA LYS A 125 -16.85 -17.54 -9.09
C LYS A 125 -18.36 -17.39 -9.19
N GLY A 126 -18.90 -16.24 -8.73
CA GLY A 126 -20.28 -15.87 -8.97
C GLY A 126 -21.26 -16.27 -7.88
N SER A 127 -22.53 -15.83 -8.01
CA SER A 127 -23.55 -16.11 -7.03
C SER A 127 -23.96 -17.59 -7.02
N LYS A 128 -23.40 -18.35 -7.96
CA LYS A 128 -23.53 -19.80 -7.96
C LYS A 128 -22.78 -20.42 -6.78
N VAL A 129 -21.52 -20.02 -6.62
CA VAL A 129 -20.66 -20.52 -5.56
C VAL A 129 -20.87 -19.72 -4.28
N MET A 130 -21.14 -18.42 -4.42
CA MET A 130 -21.14 -17.50 -3.29
C MET A 130 -22.27 -16.49 -3.34
N PRO A 131 -23.54 -16.89 -3.20
CA PRO A 131 -24.66 -15.95 -3.30
C PRO A 131 -24.65 -14.79 -2.30
N ASN A 132 -24.28 -15.05 -1.05
CA ASN A 132 -24.29 -14.04 -0.01
C ASN A 132 -23.22 -12.96 -0.22
N ILE A 133 -22.00 -13.40 -0.51
CA ILE A 133 -20.89 -12.49 -0.79
C ILE A 133 -21.24 -11.68 -2.03
N GLU A 134 -21.82 -12.35 -3.03
CA GLU A 134 -22.24 -11.67 -4.26
C GLU A 134 -23.32 -10.62 -4.04
N LYS A 135 -24.22 -10.86 -3.10
CA LYS A 135 -25.23 -9.86 -2.76
C LYS A 135 -24.56 -8.64 -2.13
N LEU A 136 -23.70 -8.86 -1.12
CA LEU A 136 -22.98 -7.77 -0.47
C LEU A 136 -22.22 -6.91 -1.47
N ARG A 137 -21.43 -7.56 -2.34
CA ARG A 137 -20.71 -6.89 -3.43
C ARG A 137 -21.62 -6.08 -4.35
N SER A 138 -22.73 -6.69 -4.79
CA SER A 138 -23.65 -6.04 -5.71
C SER A 138 -24.48 -4.92 -5.07
N CYS A 139 -25.04 -5.14 -3.87
CA CYS A 139 -25.89 -4.12 -3.24
C CYS A 139 -25.05 -2.99 -2.64
N GLY A 140 -23.85 -3.34 -2.19
CA GLY A 140 -23.02 -2.40 -1.46
C GLY A 140 -21.96 -1.73 -2.33
N THR A 141 -20.91 -1.27 -1.66
CA THR A 141 -19.74 -0.67 -2.29
C THR A 141 -18.65 -1.73 -2.38
N HIS A 142 -18.05 -1.89 -3.58
CA HIS A 142 -16.95 -2.82 -3.73
C HIS A 142 -15.86 -2.27 -4.65
N ALA A 143 -14.64 -2.80 -4.50
CA ALA A 143 -13.54 -2.54 -5.40
C ALA A 143 -13.27 -3.79 -6.22
N PRO A 144 -12.77 -3.69 -7.47
CA PRO A 144 -12.34 -4.87 -8.21
C PRO A 144 -11.29 -5.69 -7.47
N TYR A 145 -10.42 -4.99 -6.73
CA TYR A 145 -9.53 -5.65 -5.79
C TYR A 145 -8.95 -4.62 -4.83
N MET A 146 -8.34 -5.14 -3.75
CA MET A 146 -7.65 -4.30 -2.79
C MET A 146 -6.20 -4.79 -2.72
N ARG A 147 -5.26 -3.83 -2.74
CA ARG A 147 -3.85 -4.15 -2.72
C ARG A 147 -3.42 -4.40 -1.28
N PRO A 148 -2.76 -5.54 -0.99
CA PRO A 148 -2.15 -5.75 0.32
C PRO A 148 -0.85 -4.97 0.46
N VAL A 149 -0.22 -5.06 1.63
CA VAL A 149 1.12 -4.54 1.84
C VAL A 149 2.11 -5.67 1.59
N TYR A 150 3.39 -5.32 1.49
CA TYR A 150 4.47 -6.28 1.41
C TYR A 150 5.06 -6.49 2.80
N PRO A 151 5.39 -7.73 3.23
CA PRO A 151 5.13 -8.95 2.45
C PRO A 151 3.66 -9.36 2.52
N THR A 152 3.17 -10.05 1.48
CA THR A 152 1.77 -10.39 1.37
C THR A 152 1.46 -11.63 2.20
N LYS A 153 1.65 -11.46 3.52
CA LYS A 153 1.54 -12.51 4.50
C LYS A 153 0.48 -11.98 5.45
N THR A 154 -0.09 -12.90 6.24
CA THR A 154 -1.23 -12.66 7.09
C THR A 154 -1.00 -11.61 8.17
N PHE A 155 0.04 -11.82 8.98
CA PHE A 155 0.25 -10.99 10.15
C PHE A 155 0.59 -9.55 9.75
N PRO A 156 1.50 -9.29 8.80
CA PRO A 156 1.71 -7.92 8.35
C PRO A 156 0.45 -7.28 7.80
N ASN A 157 -0.39 -8.05 7.12
CA ASN A 157 -1.49 -7.46 6.40
C ASN A 157 -2.68 -7.23 7.31
N LEU A 158 -2.93 -8.18 8.23
CA LEU A 158 -4.04 -8.02 9.15
C LEU A 158 -3.77 -6.85 10.07
N TYR A 159 -2.50 -6.66 10.44
CA TYR A 159 -2.17 -5.59 11.36
C TYR A 159 -2.14 -4.25 10.63
N THR A 160 -1.80 -4.29 9.35
CA THR A 160 -1.89 -3.08 8.54
C THR A 160 -3.37 -2.71 8.45
N LEU A 161 -4.24 -3.69 8.17
CA LEU A 161 -5.67 -3.43 8.15
C LEU A 161 -6.11 -2.71 9.43
N ALA A 162 -5.59 -3.18 10.59
CA ALA A 162 -5.99 -2.70 11.89
C ALA A 162 -5.44 -1.32 12.27
N THR A 163 -4.26 -0.96 11.71
CA THR A 163 -3.54 0.25 12.08
C THR A 163 -3.42 1.35 11.03
N GLY A 164 -3.59 0.98 9.75
CA GLY A 164 -3.37 1.89 8.64
C GLY A 164 -1.90 2.20 8.39
N LEU A 165 -1.04 1.37 8.99
CA LEU A 165 0.38 1.60 8.92
C LEU A 165 1.05 0.53 8.08
N TYR A 166 2.19 0.89 7.50
CA TYR A 166 3.02 -0.06 6.81
C TYR A 166 3.65 -0.99 7.83
N PRO A 167 3.90 -2.27 7.49
CA PRO A 167 4.63 -3.17 8.38
C PRO A 167 5.84 -2.55 9.07
N GLU A 168 6.62 -1.75 8.33
CA GLU A 168 7.81 -1.14 8.86
C GLU A 168 7.49 -0.20 10.01
N SER A 169 6.28 0.37 10.02
CA SER A 169 5.92 1.34 11.04
C SER A 169 5.14 0.68 12.17
N HIS A 170 4.33 -0.34 11.87
CA HIS A 170 3.62 -1.04 12.93
C HIS A 170 4.46 -2.15 13.56
N GLY A 171 5.53 -2.60 12.88
CA GLY A 171 6.47 -3.55 13.48
C GLY A 171 6.32 -5.01 13.06
N ILE A 172 5.12 -5.39 12.61
CA ILE A 172 4.89 -6.77 12.22
C ILE A 172 5.37 -6.86 10.78
N VAL A 173 6.68 -7.10 10.62
CA VAL A 173 7.28 -7.04 9.30
C VAL A 173 7.24 -8.39 8.60
N GLY A 174 6.82 -9.43 9.32
CA GLY A 174 6.66 -10.76 8.75
C GLY A 174 5.90 -11.71 9.68
N ASN A 175 5.46 -12.86 9.15
CA ASN A 175 5.00 -13.97 9.97
C ASN A 175 6.12 -14.46 10.89
N SER A 176 7.38 -14.40 10.39
CA SER A 176 8.56 -14.64 11.20
C SER A 176 9.41 -13.38 11.28
N MET A 177 9.99 -13.12 12.47
CA MET A 177 10.76 -11.92 12.72
C MET A 177 11.84 -12.20 13.76
N TYR A 178 12.94 -11.48 13.66
CA TYR A 178 13.91 -11.40 14.74
C TYR A 178 14.10 -9.92 15.08
N ASP A 179 13.97 -9.59 16.37
CA ASP A 179 14.21 -8.24 16.85
C ASP A 179 15.51 -8.25 17.64
N PRO A 180 16.58 -7.55 17.18
CA PRO A 180 17.88 -7.56 17.87
C PRO A 180 17.90 -6.85 19.22
N VAL A 181 16.94 -5.97 19.47
CA VAL A 181 16.82 -5.31 20.76
C VAL A 181 16.22 -6.26 21.79
N PHE A 182 15.16 -6.98 21.41
CA PHE A 182 14.56 -7.97 22.29
C PHE A 182 15.44 -9.21 22.39
N ASP A 183 16.27 -9.43 21.35
CA ASP A 183 16.97 -10.68 21.18
C ASP A 183 15.97 -11.81 21.31
N ALA A 184 14.93 -11.77 20.46
CA ALA A 184 13.84 -12.72 20.49
C ALA A 184 13.20 -12.80 19.10
N SER A 185 12.48 -13.90 18.86
CA SER A 185 11.88 -14.15 17.57
C SER A 185 10.37 -14.31 17.69
N PHE A 186 9.68 -13.81 16.68
CA PHE A 186 8.23 -13.90 16.56
C PHE A 186 7.92 -15.06 15.61
N HIS A 187 6.99 -15.92 16.01
CA HIS A 187 6.62 -17.09 15.23
C HIS A 187 5.10 -17.20 15.20
N LEU A 188 4.57 -17.67 14.06
CA LEU A 188 3.13 -17.91 13.95
C LEU A 188 2.71 -18.90 15.02
N ARG A 189 3.53 -19.94 15.21
CA ARG A 189 3.25 -20.93 16.22
C ARG A 189 4.07 -20.55 17.44
N GLY A 190 3.36 -20.51 18.58
CA GLY A 190 3.95 -20.13 19.84
C GLY A 190 3.07 -19.13 20.56
N ARG A 191 3.51 -18.78 21.77
CA ARG A 191 2.84 -17.79 22.59
C ARG A 191 3.48 -16.41 22.45
N GLU A 192 4.70 -16.37 21.89
CA GLU A 192 5.45 -15.13 21.79
C GLU A 192 4.68 -14.02 21.09
N LYS A 193 3.88 -14.38 20.09
CA LYS A 193 3.14 -13.41 19.29
C LYS A 193 2.05 -12.71 20.12
N PHE A 194 1.72 -13.28 21.27
CA PHE A 194 0.74 -12.68 22.15
C PHE A 194 1.38 -11.57 22.98
N ASN A 195 2.72 -11.53 23.04
CA ASN A 195 3.39 -10.46 23.76
C ASN A 195 3.14 -9.14 23.03
N HIS A 196 2.71 -8.12 23.77
CA HIS A 196 2.36 -6.82 23.19
C HIS A 196 3.57 -6.04 22.67
N ARG A 197 4.76 -6.38 23.16
CA ARG A 197 5.95 -5.64 22.80
C ARG A 197 6.20 -5.59 21.30
N TRP A 198 5.66 -6.56 20.56
CA TRP A 198 5.87 -6.65 19.12
C TRP A 198 4.95 -5.71 18.36
N TRP A 199 3.81 -5.38 18.95
CA TRP A 199 2.75 -4.71 18.23
C TRP A 199 2.75 -3.21 18.46
N GLY A 200 3.10 -2.48 17.40
CA GLY A 200 3.18 -1.02 17.44
C GLY A 200 1.93 -0.36 16.87
N GLY A 201 2.05 0.93 16.62
CA GLY A 201 0.94 1.73 16.16
C GLY A 201 -0.21 1.70 17.14
N GLN A 202 -1.41 1.92 16.62
CA GLN A 202 -2.60 1.87 17.44
C GLN A 202 -3.68 1.17 16.63
N PRO A 203 -3.98 -0.11 16.92
CA PRO A 203 -5.03 -0.81 16.17
C PRO A 203 -6.42 -0.30 16.50
N LEU A 204 -7.37 -0.59 15.59
CA LEU A 204 -8.72 -0.04 15.67
C LEU A 204 -9.37 -0.28 17.02
N TRP A 205 -9.19 -1.50 17.56
CA TRP A 205 -9.83 -1.85 18.82
C TRP A 205 -9.32 -0.97 19.96
N ILE A 206 -8.02 -0.63 19.94
CA ILE A 206 -7.49 0.31 20.93
C ILE A 206 -7.99 1.72 20.64
N THR A 207 -7.92 2.16 19.38
CA THR A 207 -8.42 3.47 19.01
C THR A 207 -9.84 3.65 19.55
N ALA A 208 -10.68 2.63 19.34
CA ALA A 208 -12.07 2.69 19.73
C ALA A 208 -12.21 2.78 21.25
N THR A 209 -11.48 1.92 21.97
CA THR A 209 -11.55 1.95 23.43
C THR A 209 -11.19 3.30 24.04
N LYS A 210 -10.05 3.85 23.60
CA LYS A 210 -9.60 5.15 24.08
C LYS A 210 -10.64 6.23 23.89
N GLN A 211 -11.46 6.13 22.84
CA GLN A 211 -12.47 7.13 22.56
C GLN A 211 -13.86 6.73 23.06
N GLY A 212 -13.88 5.79 24.02
CA GLY A 212 -15.12 5.37 24.68
C GLY A 212 -16.06 4.53 23.81
N VAL A 213 -15.52 3.83 22.82
CA VAL A 213 -16.30 2.95 21.97
C VAL A 213 -15.82 1.51 22.19
N ARG A 214 -16.72 0.65 22.67
CA ARG A 214 -16.35 -0.69 23.10
C ARG A 214 -16.17 -1.58 21.89
N ALA A 215 -15.14 -2.44 21.96
CA ALA A 215 -14.78 -3.32 20.87
C ALA A 215 -14.99 -4.78 21.26
N GLY A 216 -15.43 -5.59 20.29
CA GLY A 216 -15.39 -7.03 20.45
C GLY A 216 -13.95 -7.48 20.21
N THR A 217 -13.59 -8.63 20.78
CA THR A 217 -12.26 -9.19 20.58
C THR A 217 -12.17 -9.63 19.13
N PHE A 218 -11.09 -9.23 18.47
CA PHE A 218 -10.91 -9.49 17.06
C PHE A 218 -10.34 -10.89 16.82
N PHE A 219 -9.74 -11.44 17.86
CA PHE A 219 -9.01 -12.68 17.71
C PHE A 219 -9.84 -13.87 18.19
N TRP A 220 -9.67 -14.99 17.51
CA TRP A 220 -10.44 -16.18 17.81
C TRP A 220 -9.49 -17.36 17.81
N SER A 221 -9.51 -18.11 18.90
CA SER A 221 -8.75 -19.34 18.99
C SER A 221 -9.16 -20.21 17.81
N VAL A 222 -8.16 -20.84 17.19
CA VAL A 222 -8.38 -21.67 16.01
C VAL A 222 -9.40 -22.77 16.30
N SER A 223 -9.47 -23.22 17.56
CA SER A 223 -10.38 -24.28 17.93
C SER A 223 -11.85 -23.86 17.86
N ILE A 224 -12.12 -22.56 17.97
CA ILE A 224 -13.49 -22.10 17.93
C ILE A 224 -14.02 -22.20 16.50
N PRO A 225 -15.08 -23.01 16.21
CA PRO A 225 -15.60 -23.12 14.85
C PRO A 225 -16.16 -21.80 14.38
N HIS A 226 -16.19 -21.61 13.06
CA HIS A 226 -16.68 -20.37 12.48
C HIS A 226 -18.11 -20.06 12.86
N GLU A 227 -18.97 -21.10 12.94
CA GLU A 227 -20.37 -20.90 13.30
C GLU A 227 -20.49 -20.29 14.69
N ARG A 228 -19.61 -20.74 15.60
CA ARG A 228 -19.55 -20.28 16.97
C ARG A 228 -19.05 -18.84 17.04
N ARG A 229 -18.10 -18.50 16.18
CA ARG A 229 -17.56 -17.15 16.11
C ARG A 229 -18.68 -16.18 15.71
N ILE A 230 -19.48 -16.57 14.70
CA ILE A 230 -20.61 -15.79 14.27
C ILE A 230 -21.66 -15.67 15.38
N LEU A 231 -21.98 -16.80 16.00
CA LEU A 231 -22.96 -16.82 17.08
C LEU A 231 -22.50 -15.95 18.24
N THR A 232 -21.21 -15.96 18.56
CA THR A 232 -20.71 -15.11 19.63
C THR A 232 -20.94 -13.63 19.31
N ILE A 233 -20.60 -13.22 18.09
CA ILE A 233 -20.79 -11.84 17.67
C ILE A 233 -22.25 -11.44 17.82
N LEU A 234 -23.15 -12.36 17.44
CA LEU A 234 -24.58 -12.11 17.51
C LEU A 234 -25.07 -12.01 18.96
N GLN A 235 -24.54 -12.86 19.84
CA GLN A 235 -24.81 -12.74 21.26
C GLN A 235 -24.32 -11.41 21.80
N TRP A 236 -23.10 -11.01 21.44
CA TRP A 236 -22.58 -9.72 21.89
C TRP A 236 -23.43 -8.53 21.47
N LEU A 237 -23.97 -8.58 20.25
CA LEU A 237 -24.83 -7.53 19.75
C LEU A 237 -26.16 -7.50 20.50
N SER A 238 -26.52 -8.66 21.07
CA SER A 238 -27.74 -8.77 21.87
C SER A 238 -27.60 -8.21 23.29
N LEU A 239 -26.37 -7.88 23.70
CA LEU A 239 -26.12 -7.31 25.01
C LEU A 239 -26.76 -5.94 25.19
N PRO A 240 -27.03 -5.52 26.44
CA PRO A 240 -27.52 -4.17 26.71
C PRO A 240 -26.52 -3.11 26.25
N ASP A 241 -27.02 -1.90 25.98
CA ASP A 241 -26.23 -0.83 25.40
C ASP A 241 -24.91 -0.57 26.12
N ASN A 242 -24.92 -0.62 27.45
CA ASN A 242 -23.72 -0.32 28.21
C ASN A 242 -22.69 -1.45 28.22
N GLU A 243 -23.06 -2.61 27.67
CA GLU A 243 -22.15 -3.74 27.50
C GLU A 243 -21.83 -4.06 26.04
N ARG A 244 -22.68 -3.60 25.12
CA ARG A 244 -22.58 -3.99 23.73
C ARG A 244 -21.45 -3.28 23.02
N PRO A 245 -20.53 -4.02 22.37
CA PRO A 245 -19.52 -3.40 21.51
C PRO A 245 -20.11 -2.77 20.26
N SER A 246 -19.38 -1.82 19.69
CA SER A 246 -19.79 -1.20 18.43
C SER A 246 -18.95 -1.68 17.27
N VAL A 247 -17.84 -2.37 17.56
CA VAL A 247 -16.98 -2.85 16.50
C VAL A 247 -16.63 -4.31 16.78
N TYR A 248 -16.69 -5.11 15.71
CA TYR A 248 -16.48 -6.53 15.83
C TYR A 248 -15.63 -7.01 14.66
N ALA A 249 -14.91 -8.11 14.88
CA ALA A 249 -14.22 -8.75 13.79
C ALA A 249 -14.51 -10.25 13.82
N PHE A 250 -14.82 -10.79 12.65
CA PHE A 250 -14.75 -12.21 12.40
C PHE A 250 -13.51 -12.42 11.55
N TYR A 251 -12.87 -13.57 11.79
CA TYR A 251 -11.70 -13.97 11.05
C TYR A 251 -11.85 -15.43 10.64
N SER A 252 -11.53 -15.73 9.38
CA SER A 252 -11.52 -17.06 8.85
C SER A 252 -10.14 -17.39 8.27
N GLU A 253 -9.64 -18.57 8.63
CA GLU A 253 -8.39 -19.11 8.12
C GLU A 253 -8.54 -19.55 6.68
N GLN A 254 -9.78 -19.55 6.18
CA GLN A 254 -10.06 -19.94 4.80
C GLN A 254 -10.40 -18.70 3.97
N PRO A 255 -10.24 -18.72 2.63
CA PRO A 255 -9.79 -19.90 1.89
C PRO A 255 -8.29 -20.12 1.80
N ASP A 256 -7.53 -19.49 2.70
CA ASP A 256 -6.09 -19.57 2.63
C ASP A 256 -5.62 -21.01 2.70
N PHE A 257 -6.05 -21.72 3.75
CA PHE A 257 -5.57 -23.07 4.02
C PHE A 257 -5.73 -23.97 2.80
N SER A 258 -6.90 -23.95 2.18
CA SER A 258 -7.16 -24.79 1.02
C SER A 258 -6.30 -24.33 -0.15
N GLY A 259 -6.11 -23.00 -0.25
CA GLY A 259 -5.24 -22.42 -1.26
C GLY A 259 -3.83 -23.00 -1.20
N HIS A 260 -3.34 -23.23 0.02
CA HIS A 260 -2.03 -23.85 0.17
C HIS A 260 -1.98 -25.27 -0.37
N LYS A 261 -2.99 -26.08 -0.05
CA LYS A 261 -3.05 -27.45 -0.49
C LYS A 261 -3.36 -27.55 -1.99
N TYR A 262 -4.42 -26.88 -2.43
CA TYR A 262 -4.89 -27.02 -3.80
C TYR A 262 -4.21 -26.04 -4.75
N GLY A 263 -4.09 -24.79 -4.32
CA GLY A 263 -3.68 -23.70 -5.18
C GLY A 263 -4.91 -22.96 -5.68
N PRO A 264 -4.76 -21.74 -6.24
CA PRO A 264 -5.89 -20.93 -6.64
C PRO A 264 -6.58 -21.44 -7.90
N PHE A 265 -5.90 -22.34 -8.64
CA PHE A 265 -6.39 -22.95 -9.85
C PHE A 265 -7.41 -24.07 -9.59
N GLY A 266 -7.32 -24.68 -8.39
CA GLY A 266 -8.13 -25.84 -8.05
C GLY A 266 -9.64 -25.65 -8.21
N PRO A 267 -10.31 -26.45 -9.07
CA PRO A 267 -11.78 -26.52 -9.07
C PRO A 267 -12.37 -26.89 -7.70
N GLU A 268 -11.53 -27.48 -6.85
CA GLU A 268 -11.86 -27.84 -5.47
C GLU A 268 -11.76 -26.67 -4.49
N MET A 269 -11.48 -25.47 -4.99
CA MET A 269 -11.52 -24.29 -4.16
C MET A 269 -12.96 -23.85 -3.91
N THR A 270 -13.89 -24.38 -4.72
CA THR A 270 -15.28 -23.96 -4.67
C THR A 270 -15.92 -24.34 -3.33
N ASN A 271 -15.60 -25.53 -2.83
CA ASN A 271 -16.18 -25.98 -1.57
C ASN A 271 -15.75 -25.08 -0.42
N PRO A 272 -14.45 -24.88 -0.18
CA PRO A 272 -13.99 -23.85 0.76
C PRO A 272 -14.73 -22.51 0.64
N LEU A 273 -14.86 -22.01 -0.59
CA LEU A 273 -15.47 -20.73 -0.83
C LEU A 273 -16.97 -20.77 -0.53
N ARG A 274 -17.59 -21.92 -0.81
CA ARG A 274 -19.00 -22.07 -0.53
C ARG A 274 -19.23 -22.12 0.98
N GLU A 275 -18.34 -22.78 1.72
CA GLU A 275 -18.33 -22.70 3.18
C GLU A 275 -18.30 -21.26 3.68
N ILE A 276 -17.34 -20.47 3.19
CA ILE A 276 -17.22 -19.06 3.58
C ILE A 276 -18.54 -18.34 3.34
N ASP A 277 -19.09 -18.51 2.13
CA ASP A 277 -20.34 -17.84 1.78
C ASP A 277 -21.46 -18.21 2.75
N LYS A 278 -21.45 -19.48 3.17
CA LYS A 278 -22.43 -19.99 4.11
C LYS A 278 -22.30 -19.20 5.42
N THR A 279 -21.06 -19.07 5.90
CA THR A 279 -20.79 -18.31 7.10
C THR A 279 -21.29 -16.87 6.99
N VAL A 280 -21.08 -16.24 5.83
CA VAL A 280 -21.59 -14.90 5.59
C VAL A 280 -23.12 -14.88 5.72
N GLY A 281 -23.79 -15.83 5.04
CA GLY A 281 -25.24 -15.92 5.05
C GLY A 281 -25.78 -16.12 6.46
N GLN A 282 -25.05 -16.89 7.26
CA GLN A 282 -25.36 -17.07 8.66
C GLN A 282 -25.29 -15.74 9.41
N LEU A 283 -24.22 -14.97 9.15
CA LEU A 283 -24.09 -13.65 9.76
C LEU A 283 -25.26 -12.77 9.35
N MET A 284 -25.56 -12.71 8.05
CA MET A 284 -26.60 -11.80 7.58
C MET A 284 -27.99 -12.26 8.05
N ASP A 285 -28.28 -13.55 7.96
CA ASP A 285 -29.49 -14.12 8.56
C ASP A 285 -29.58 -13.75 10.04
N GLY A 286 -28.45 -13.91 10.74
CA GLY A 286 -28.36 -13.59 12.16
C GLY A 286 -28.73 -12.14 12.45
N LEU A 287 -28.13 -11.23 11.68
CA LEU A 287 -28.38 -9.82 11.82
C LEU A 287 -29.84 -9.48 11.51
N LYS A 288 -30.39 -10.16 10.51
CA LYS A 288 -31.76 -9.91 10.07
C LYS A 288 -32.75 -10.28 11.16
N GLN A 289 -32.50 -11.38 11.89
CA GLN A 289 -33.36 -11.78 12.99
C GLN A 289 -33.38 -10.70 14.06
N LEU A 290 -32.20 -10.11 14.30
CA LEU A 290 -32.01 -9.18 15.40
C LEU A 290 -32.38 -7.77 14.99
N ARG A 291 -32.89 -7.62 13.76
CA ARG A 291 -33.30 -6.33 13.24
C ARG A 291 -32.10 -5.41 13.07
N LEU A 292 -30.95 -6.00 12.72
CA LEU A 292 -29.68 -5.28 12.63
C LEU A 292 -29.12 -5.23 11.21
N HIS A 293 -29.82 -5.85 10.26
CA HIS A 293 -29.32 -6.03 8.91
C HIS A 293 -29.38 -4.75 8.08
N ARG A 294 -30.09 -3.73 8.59
CA ARG A 294 -30.10 -2.40 7.98
C ARG A 294 -29.57 -1.37 8.97
N CYS A 295 -28.71 -1.82 9.88
CA CYS A 295 -28.14 -1.01 10.95
C CYS A 295 -26.62 -1.08 10.89
N VAL A 296 -26.11 -2.28 10.69
CA VAL A 296 -24.70 -2.58 10.81
C VAL A 296 -23.98 -2.34 9.49
N ASN A 297 -22.77 -1.76 9.56
CA ASN A 297 -21.90 -1.71 8.40
C ASN A 297 -21.05 -2.96 8.44
N VAL A 298 -21.00 -3.65 7.29
CA VAL A 298 -20.26 -4.88 7.16
C VAL A 298 -19.16 -4.62 6.15
N ILE A 299 -17.94 -5.03 6.50
CA ILE A 299 -16.80 -5.00 5.62
C ILE A 299 -16.34 -6.43 5.40
N PHE A 300 -16.41 -6.89 4.15
CA PHE A 300 -15.81 -8.15 3.74
C PHE A 300 -14.45 -7.82 3.11
N VAL A 301 -13.38 -8.39 3.67
CA VAL A 301 -12.02 -8.01 3.29
C VAL A 301 -11.06 -9.18 3.46
N GLY A 302 -10.10 -9.27 2.53
CA GLY A 302 -9.09 -10.30 2.60
C GLY A 302 -7.76 -9.66 3.00
N ASP A 303 -6.79 -10.49 3.34
CA ASP A 303 -5.50 -9.98 3.76
C ASP A 303 -4.47 -10.10 2.65
N HIS A 304 -4.69 -11.06 1.75
CA HIS A 304 -3.86 -11.26 0.58
C HIS A 304 -4.47 -12.29 -0.36
N GLY A 305 -3.77 -12.53 -1.49
CA GLY A 305 -4.18 -13.51 -2.49
C GLY A 305 -3.43 -14.82 -2.31
N MET A 306 -3.29 -15.55 -3.42
CA MET A 306 -2.67 -16.86 -3.43
C MET A 306 -2.16 -17.13 -4.84
N GLU A 307 -0.96 -17.73 -4.92
CA GLU A 307 -0.32 -18.05 -6.19
C GLU A 307 -0.04 -19.55 -6.28
N ASP A 308 0.09 -20.06 -7.51
CA ASP A 308 0.51 -21.44 -7.72
C ASP A 308 2.00 -21.60 -7.40
N VAL A 309 2.31 -22.23 -6.27
CA VAL A 309 3.68 -22.47 -5.85
C VAL A 309 3.87 -23.92 -5.42
N THR A 310 4.70 -24.65 -6.18
CA THR A 310 5.02 -26.04 -5.88
C THR A 310 6.45 -26.15 -5.36
N CYS A 311 6.74 -27.24 -4.67
CA CYS A 311 8.02 -27.42 -3.99
C CYS A 311 9.16 -27.70 -4.97
N ASP A 312 8.84 -28.02 -6.23
CA ASP A 312 9.86 -28.23 -7.25
C ASP A 312 10.39 -26.90 -7.76
N ARG A 313 9.60 -25.82 -7.62
CA ARG A 313 10.04 -24.48 -7.94
C ARG A 313 10.65 -23.81 -6.70
N THR A 314 11.82 -24.32 -6.28
CA THR A 314 12.50 -23.84 -5.09
C THR A 314 13.97 -23.59 -5.43
N GLU A 315 14.41 -22.34 -5.24
CA GLU A 315 15.82 -21.97 -5.36
C GLU A 315 16.48 -22.21 -4.01
N PHE A 316 17.70 -22.77 -4.05
CA PHE A 316 18.44 -23.05 -2.83
C PHE A 316 19.66 -22.13 -2.75
N LEU A 317 19.73 -21.33 -1.67
CA LEU A 317 20.84 -20.41 -1.48
C LEU A 317 22.18 -21.14 -1.43
N SER A 318 22.15 -22.42 -1.04
CA SER A 318 23.33 -23.28 -1.03
C SER A 318 23.95 -23.48 -2.42
N ASN A 319 23.15 -23.31 -3.48
CA ASN A 319 23.65 -23.39 -4.84
C ASN A 319 24.33 -22.11 -5.31
N TYR A 320 24.20 -21.03 -4.52
CA TYR A 320 24.84 -19.74 -4.79
C TYR A 320 25.88 -19.36 -3.74
N LEU A 321 25.56 -19.61 -2.47
CA LEU A 321 26.43 -19.28 -1.36
C LEU A 321 27.21 -20.53 -0.96
N THR A 322 28.53 -20.39 -0.89
CA THR A 322 29.40 -21.46 -0.45
C THR A 322 29.56 -21.45 1.05
N ASN A 323 28.95 -20.46 1.71
CA ASN A 323 29.08 -20.22 3.14
C ASN A 323 27.70 -20.17 3.78
N VAL A 324 26.84 -21.12 3.43
CA VAL A 324 25.42 -21.02 3.70
C VAL A 324 25.03 -21.32 5.15
N ASP A 325 25.98 -21.85 5.93
CA ASP A 325 25.77 -22.11 7.34
C ASP A 325 26.24 -20.96 8.22
N ASP A 326 26.74 -19.90 7.59
CA ASP A 326 27.08 -18.67 8.28
C ASP A 326 25.93 -17.67 8.33
N ILE A 327 24.81 -18.03 7.72
CA ILE A 327 23.68 -17.13 7.60
C ILE A 327 22.37 -17.78 8.04
N THR A 328 21.48 -16.95 8.61
CA THR A 328 20.09 -17.30 8.84
C THR A 328 19.25 -16.75 7.69
N LEU A 329 18.21 -17.48 7.31
CA LEU A 329 17.34 -17.11 6.20
C LEU A 329 15.87 -17.27 6.60
N VAL A 330 15.09 -16.18 6.49
CA VAL A 330 13.65 -16.27 6.56
C VAL A 330 13.23 -16.68 5.15
N PRO A 331 12.84 -17.94 4.91
CA PRO A 331 12.67 -18.43 3.54
C PRO A 331 11.26 -18.26 3.00
N GLY A 332 11.07 -18.75 1.77
CA GLY A 332 9.76 -18.88 1.15
C GLY A 332 9.56 -17.96 -0.05
N THR A 333 8.40 -17.29 -0.08
CA THR A 333 8.03 -16.36 -1.13
C THR A 333 8.78 -15.03 -1.00
N LEU A 334 9.59 -14.92 0.04
CA LEU A 334 10.58 -13.87 0.18
C LEU A 334 11.82 -14.44 0.86
N GLY A 335 12.92 -13.70 0.82
CA GLY A 335 14.10 -14.02 1.59
C GLY A 335 14.50 -12.81 2.42
N ARG A 336 14.87 -13.08 3.67
CA ARG A 336 15.54 -12.09 4.49
C ARG A 336 16.75 -12.81 5.06
N ILE A 337 17.95 -12.22 4.85
CA ILE A 337 19.22 -12.85 5.20
C ILE A 337 19.92 -12.05 6.29
N ARG A 338 20.62 -12.79 7.17
CA ARG A 338 21.25 -12.27 8.36
C ARG A 338 22.42 -13.19 8.71
N ALA A 339 23.47 -12.63 9.34
CA ALA A 339 24.56 -13.45 9.85
C ALA A 339 24.06 -14.28 11.02
N LYS A 340 24.61 -15.50 11.15
CA LYS A 340 24.15 -16.46 12.15
C LYS A 340 24.38 -15.97 13.58
N SER A 341 25.63 -15.63 13.92
CA SER A 341 25.92 -14.96 15.18
C SER A 341 26.52 -13.58 14.92
N TYR A 347 31.33 -13.05 7.35
CA TYR A 347 30.03 -12.65 6.84
C TYR A 347 30.21 -11.26 6.30
N ASP A 348 29.83 -11.08 5.04
CA ASP A 348 30.02 -9.81 4.38
C ASP A 348 28.86 -9.59 3.42
N PRO A 349 27.92 -8.68 3.71
CA PRO A 349 26.73 -8.49 2.88
C PRO A 349 27.03 -8.10 1.43
N LYS A 350 28.14 -7.38 1.23
CA LYS A 350 28.58 -7.00 -0.10
C LYS A 350 28.91 -8.21 -0.99
N THR A 351 29.61 -9.20 -0.45
CA THR A 351 29.93 -10.40 -1.23
C THR A 351 28.73 -11.34 -1.30
N ILE A 352 27.88 -11.34 -0.28
CA ILE A 352 26.62 -12.08 -0.35
C ILE A 352 25.76 -11.57 -1.51
N ILE A 353 25.54 -10.25 -1.58
CA ILE A 353 24.70 -9.70 -2.64
C ILE A 353 25.32 -10.06 -3.99
N ALA A 354 26.62 -9.77 -4.15
CA ALA A 354 27.34 -10.03 -5.38
C ALA A 354 27.18 -11.49 -5.81
N ALA A 355 27.32 -12.42 -4.86
CA ALA A 355 27.16 -13.84 -5.16
C ALA A 355 25.74 -14.25 -5.53
N LEU A 356 24.74 -13.43 -5.15
CA LEU A 356 23.35 -13.66 -5.51
C LEU A 356 22.86 -12.89 -6.73
N THR A 357 23.75 -12.15 -7.41
CA THR A 357 23.33 -11.26 -8.48
C THR A 357 23.54 -11.79 -9.91
N CYS A 358 22.43 -12.03 -10.62
CA CYS A 358 22.43 -12.39 -12.04
C CYS A 358 23.43 -13.51 -12.35
N LYS A 359 23.35 -14.60 -11.57
CA LYS A 359 24.29 -15.70 -11.74
C LYS A 359 23.85 -16.70 -12.78
N LYS A 360 22.53 -16.93 -12.83
CA LYS A 360 21.95 -17.99 -13.63
C LYS A 360 20.91 -17.38 -14.57
N PRO A 361 20.71 -17.92 -15.78
CA PRO A 361 19.64 -17.45 -16.66
C PRO A 361 18.26 -17.53 -16.01
N ASP A 362 17.93 -18.74 -15.51
CA ASP A 362 16.66 -18.97 -14.85
C ASP A 362 16.83 -18.72 -13.35
N GLN A 363 17.17 -17.49 -12.98
CA GLN A 363 17.28 -17.13 -11.57
C GLN A 363 15.94 -16.53 -11.16
N HIS A 364 15.27 -17.12 -10.16
CA HIS A 364 13.92 -16.74 -9.83
C HIS A 364 13.80 -15.91 -8.55
N PHE A 365 14.88 -15.21 -8.22
CA PHE A 365 14.88 -14.24 -7.15
C PHE A 365 15.90 -13.14 -7.46
N LYS A 366 15.77 -12.00 -6.77
CA LYS A 366 16.72 -10.92 -6.90
C LYS A 366 17.15 -10.42 -5.54
N PRO A 367 18.47 -10.32 -5.25
CA PRO A 367 18.94 -9.78 -3.97
C PRO A 367 18.89 -8.27 -3.95
N TYR A 368 18.60 -7.72 -2.76
CA TYR A 368 18.62 -6.28 -2.53
C TYR A 368 19.15 -5.99 -1.13
N MET A 369 19.93 -4.91 -0.98
CA MET A 369 20.04 -4.23 0.30
C MET A 369 18.70 -3.53 0.44
N LYS A 370 18.13 -3.58 1.64
CA LYS A 370 16.74 -3.19 1.84
C LYS A 370 16.46 -1.75 1.41
N GLN A 371 17.45 -0.86 1.54
CA GLN A 371 17.28 0.53 1.12
C GLN A 371 17.14 0.67 -0.40
N HIS A 372 17.59 -0.35 -1.15
CA HIS A 372 17.52 -0.35 -2.61
C HIS A 372 16.26 -1.01 -3.16
N LEU A 373 15.47 -1.63 -2.29
CA LEU A 373 14.16 -2.16 -2.69
C LEU A 373 13.27 -1.03 -3.23
N PRO A 374 12.35 -1.30 -4.19
CA PRO A 374 11.40 -0.28 -4.62
C PRO A 374 10.72 0.45 -3.45
N LYS A 375 10.71 1.78 -3.52
CA LYS A 375 10.15 2.55 -2.43
C LYS A 375 8.66 2.32 -2.18
N ARG A 376 7.91 1.98 -3.24
CA ARG A 376 6.51 1.61 -3.10
C ARG A 376 6.31 0.53 -2.05
N LEU A 377 7.30 -0.35 -1.87
CA LEU A 377 7.19 -1.41 -0.88
C LEU A 377 7.29 -0.90 0.56
N HIS A 378 7.87 0.30 0.76
CA HIS A 378 8.05 0.88 2.08
C HIS A 378 8.52 -0.15 3.10
N TYR A 379 9.53 -0.95 2.72
CA TYR A 379 9.98 -2.10 3.48
C TYR A 379 11.46 -2.02 3.82
N ALA A 380 11.82 -1.07 4.68
CA ALA A 380 13.20 -0.92 5.08
C ALA A 380 13.40 -0.38 6.50
N ASN A 381 12.52 0.54 6.92
CA ASN A 381 12.78 1.32 8.12
C ASN A 381 12.32 0.62 9.39
N ASN A 382 13.00 -0.46 9.74
CA ASN A 382 12.71 -1.22 10.94
C ASN A 382 13.85 -2.18 11.20
N ARG A 383 14.36 -2.19 12.44
CA ARG A 383 15.47 -3.04 12.84
C ARG A 383 15.15 -4.53 12.69
N ARG A 384 13.86 -4.86 12.56
CA ARG A 384 13.40 -6.21 12.34
C ARG A 384 13.51 -6.68 10.89
N ILE A 385 13.71 -5.73 9.98
CA ILE A 385 13.94 -6.03 8.58
C ILE A 385 15.43 -6.13 8.37
N GLU A 386 15.87 -7.33 7.96
CA GLU A 386 17.27 -7.57 7.67
C GLU A 386 17.72 -6.69 6.50
N ASP A 387 19.00 -6.31 6.53
CA ASP A 387 19.64 -5.52 5.50
C ASP A 387 19.53 -6.19 4.15
N ILE A 388 19.77 -7.51 4.12
CA ILE A 388 19.70 -8.25 2.87
C ILE A 388 18.30 -8.82 2.67
N HIS A 389 17.73 -8.54 1.49
CA HIS A 389 16.41 -9.01 1.11
C HIS A 389 16.45 -9.70 -0.26
N LEU A 390 15.64 -10.76 -0.42
CA LEU A 390 15.44 -11.39 -1.71
C LEU A 390 14.00 -11.21 -2.14
N LEU A 391 13.79 -10.54 -3.29
CA LEU A 391 12.52 -10.54 -3.98
C LEU A 391 12.46 -11.78 -4.85
N VAL A 392 11.55 -12.69 -4.50
CA VAL A 392 11.40 -13.95 -5.19
C VAL A 392 10.32 -13.80 -6.25
N ASP A 393 10.57 -14.38 -7.43
CA ASP A 393 9.60 -14.35 -8.50
C ASP A 393 8.33 -15.07 -8.08
N ARG A 394 7.19 -14.54 -8.53
CA ARG A 394 5.90 -15.18 -8.36
C ARG A 394 6.01 -16.63 -8.82
N ARG A 395 5.37 -17.53 -8.06
CA ARG A 395 5.30 -18.96 -8.33
C ARG A 395 6.51 -19.73 -7.79
N TRP A 396 7.49 -19.02 -7.19
CA TRP A 396 8.71 -19.66 -6.72
C TRP A 396 8.95 -19.51 -5.22
N HIS A 397 9.94 -20.27 -4.74
CA HIS A 397 10.40 -20.22 -3.36
C HIS A 397 11.92 -20.18 -3.29
N VAL A 398 12.45 -19.58 -2.23
CA VAL A 398 13.86 -19.65 -1.91
C VAL A 398 13.99 -20.34 -0.56
N ALA A 399 14.88 -21.34 -0.48
CA ALA A 399 15.19 -22.03 0.76
C ALA A 399 16.70 -21.99 0.97
N ARG A 400 17.13 -22.31 2.19
CA ARG A 400 18.55 -22.18 2.51
C ARG A 400 19.34 -23.37 1.98
N LYS A 401 18.93 -24.59 2.35
CA LYS A 401 19.62 -25.80 1.90
C LYS A 401 18.63 -26.89 1.51
N PRO A 402 19.03 -27.84 0.64
CA PRO A 402 18.20 -29.01 0.35
C PRO A 402 18.30 -30.07 1.44
N LYS A 412 5.84 -36.09 -4.81
CA LYS A 412 4.95 -34.93 -4.84
C LYS A 412 5.19 -34.01 -3.65
N CYS A 413 4.60 -32.80 -3.70
CA CYS A 413 4.59 -31.85 -2.60
C CYS A 413 3.32 -32.04 -1.78
N PHE A 414 3.34 -31.60 -0.52
CA PHE A 414 2.13 -31.42 0.26
C PHE A 414 1.38 -30.16 -0.17
N PHE A 415 2.13 -29.09 -0.49
CA PHE A 415 1.52 -27.81 -0.80
C PHE A 415 1.57 -27.50 -2.30
N GLN A 416 0.63 -26.69 -2.77
CA GLN A 416 0.57 -26.28 -4.17
C GLN A 416 0.31 -24.78 -4.39
N GLY A 417 0.12 -24.05 -3.29
CA GLY A 417 -0.17 -22.63 -3.34
C GLY A 417 0.60 -21.91 -2.23
N ASP A 418 0.96 -20.65 -2.50
CA ASP A 418 1.50 -19.79 -1.46
C ASP A 418 1.41 -18.32 -1.86
N HIS A 419 1.81 -17.46 -0.92
CA HIS A 419 1.69 -16.01 -1.03
C HIS A 419 2.84 -15.44 -0.22
N GLY A 420 2.97 -14.09 -0.28
CA GLY A 420 4.10 -13.39 0.34
C GLY A 420 4.88 -12.51 -0.65
N PHE A 421 4.66 -12.75 -1.95
CA PHE A 421 5.32 -12.01 -3.01
C PHE A 421 5.04 -10.51 -3.02
N ASP A 422 5.82 -9.80 -3.85
CA ASP A 422 5.62 -8.39 -4.14
C ASP A 422 4.13 -8.05 -4.24
N ASN A 423 3.71 -6.97 -3.58
CA ASN A 423 2.28 -6.69 -3.46
C ASN A 423 1.64 -6.11 -4.73
N LYS A 424 2.42 -5.93 -5.80
CA LYS A 424 1.82 -5.49 -7.05
C LYS A 424 1.47 -6.68 -7.94
N VAL A 425 1.95 -7.88 -7.60
CA VAL A 425 1.62 -9.10 -8.31
C VAL A 425 0.11 -9.36 -8.27
N ASN A 426 -0.47 -9.63 -9.44
CA ASN A 426 -1.90 -9.86 -9.55
C ASN A 426 -2.43 -10.91 -8.58
N SER A 427 -1.74 -12.04 -8.49
CA SER A 427 -2.19 -13.16 -7.70
C SER A 427 -2.30 -12.80 -6.22
N MET A 428 -1.56 -11.77 -5.78
CA MET A 428 -1.56 -11.37 -4.38
C MET A 428 -2.69 -10.43 -4.02
N GLN A 429 -3.42 -9.94 -5.02
CA GLN A 429 -4.48 -8.97 -4.79
C GLN A 429 -5.64 -9.65 -4.08
N THR A 430 -6.35 -8.86 -3.25
CA THR A 430 -7.39 -9.38 -2.38
C THR A 430 -8.65 -8.55 -2.56
N VAL A 431 -9.59 -8.65 -1.61
CA VAL A 431 -10.96 -8.20 -1.85
C VAL A 431 -11.37 -7.15 -0.84
N PHE A 432 -12.31 -6.32 -1.25
CA PHE A 432 -12.98 -5.39 -0.36
C PHE A 432 -14.43 -5.21 -0.77
N VAL A 433 -15.33 -5.35 0.21
CA VAL A 433 -16.73 -5.03 0.04
C VAL A 433 -17.17 -4.29 1.30
N GLY A 434 -17.84 -3.15 1.09
CA GLY A 434 -18.49 -2.40 2.14
C GLY A 434 -20.00 -2.46 1.93
N TYR A 435 -20.73 -2.85 2.98
CA TYR A 435 -22.17 -2.96 2.91
C TYR A 435 -22.80 -2.43 4.19
N GLY A 436 -23.70 -1.45 4.03
CA GLY A 436 -24.46 -0.93 5.16
C GLY A 436 -24.92 0.50 4.94
N PRO A 437 -25.58 1.13 5.94
CA PRO A 437 -26.13 2.48 5.78
C PRO A 437 -25.11 3.54 5.41
N THR A 438 -23.86 3.38 5.87
CA THR A 438 -22.84 4.39 5.66
C THR A 438 -22.14 4.20 4.31
N PHE A 439 -22.16 2.96 3.82
CA PHE A 439 -21.60 2.67 2.52
C PHE A 439 -22.55 3.10 1.43
N LYS A 440 -22.02 3.31 0.22
CA LYS A 440 -22.85 3.62 -0.92
C LYS A 440 -23.58 2.37 -1.39
N TYR A 441 -24.64 2.62 -2.16
CA TYR A 441 -25.51 1.59 -2.71
C TYR A 441 -25.02 1.29 -4.12
N ARG A 442 -24.87 0.00 -4.43
CA ARG A 442 -24.50 -0.45 -5.75
C ARG A 442 -23.43 0.43 -6.39
N THR A 443 -22.28 0.53 -5.70
CA THR A 443 -21.20 1.38 -6.16
C THR A 443 -19.91 0.58 -6.33
N LYS A 444 -19.30 0.73 -7.52
CA LYS A 444 -17.98 0.20 -7.81
C LYS A 444 -16.97 1.33 -7.64
N VAL A 445 -15.87 1.07 -6.95
CA VAL A 445 -14.86 2.09 -6.73
C VAL A 445 -13.55 1.52 -7.26
N PRO A 446 -12.58 2.38 -7.66
CA PRO A 446 -11.29 1.91 -8.13
C PRO A 446 -10.56 1.09 -7.06
N PRO A 447 -9.61 0.22 -7.46
CA PRO A 447 -8.77 -0.48 -6.50
C PRO A 447 -8.01 0.52 -5.62
N PHE A 448 -7.79 0.12 -4.37
CA PHE A 448 -7.11 0.95 -3.39
C PHE A 448 -6.28 0.02 -2.51
N GLU A 449 -5.38 0.63 -1.74
CA GLU A 449 -4.46 -0.09 -0.89
C GLU A 449 -5.06 -0.33 0.49
N ASN A 450 -4.70 -1.44 1.14
CA ASN A 450 -5.28 -1.74 2.43
C ASN A 450 -4.91 -0.76 3.55
N ILE A 451 -3.83 0.00 3.38
CA ILE A 451 -3.47 1.03 4.36
C ILE A 451 -4.53 2.12 4.51
N GLU A 452 -5.41 2.26 3.50
CA GLU A 452 -6.44 3.26 3.53
C GLU A 452 -7.66 2.92 4.41
N LEU A 453 -7.84 1.62 4.73
CA LEU A 453 -9.06 1.17 5.39
C LEU A 453 -9.23 1.64 6.83
N TYR A 454 -8.11 1.77 7.55
CA TYR A 454 -8.18 2.15 8.94
C TYR A 454 -8.93 3.48 9.11
N ASN A 455 -8.61 4.48 8.28
CA ASN A 455 -9.29 5.75 8.40
C ASN A 455 -10.80 5.60 8.18
N VAL A 456 -11.16 4.74 7.22
CA VAL A 456 -12.55 4.52 6.86
C VAL A 456 -13.29 3.91 8.05
N MET A 457 -12.65 2.91 8.64
CA MET A 457 -13.22 2.22 9.79
C MET A 457 -13.37 3.18 10.96
N CYS A 458 -12.38 4.05 11.16
CA CYS A 458 -12.51 5.12 12.12
C CYS A 458 -13.67 6.04 11.78
N ASP A 459 -13.78 6.42 10.50
CA ASP A 459 -14.89 7.24 10.06
C ASP A 459 -16.22 6.54 10.35
N LEU A 460 -16.31 5.25 10.01
CA LEU A 460 -17.54 4.50 10.22
C LEU A 460 -17.95 4.40 11.69
N LEU A 461 -16.99 4.61 12.61
CA LEU A 461 -17.29 4.53 14.04
C LEU A 461 -17.29 5.87 14.76
N GLY A 462 -17.07 6.95 14.00
CA GLY A 462 -16.94 8.28 14.55
C GLY A 462 -15.69 8.46 15.42
N LEU A 463 -14.58 7.84 15.01
CA LEU A 463 -13.35 7.88 15.77
C LEU A 463 -12.36 8.81 15.09
N LYS A 464 -11.59 9.56 15.87
CA LYS A 464 -10.44 10.28 15.35
C LYS A 464 -9.30 9.27 15.11
N PRO A 465 -8.89 9.02 13.85
CA PRO A 465 -7.84 8.04 13.62
C PRO A 465 -6.50 8.49 14.19
N ALA A 466 -5.69 7.54 14.63
CA ALA A 466 -4.33 7.80 15.05
C ALA A 466 -3.48 8.03 13.80
N PRO A 467 -2.31 8.69 13.90
CA PRO A 467 -1.47 8.93 12.74
C PRO A 467 -1.17 7.61 12.03
N ASN A 468 -1.40 7.60 10.71
CA ASN A 468 -1.23 6.39 9.93
C ASN A 468 -0.86 6.75 8.49
N ASN A 469 -0.64 5.73 7.64
CA ASN A 469 -0.12 5.93 6.31
C ASN A 469 -1.18 6.05 5.22
N GLY A 470 -2.45 5.92 5.63
CA GLY A 470 -3.58 6.24 4.75
C GLY A 470 -3.59 7.72 4.43
N THR A 471 -4.21 8.09 3.32
CA THR A 471 -4.46 9.47 2.98
C THR A 471 -5.94 9.73 3.26
N HIS A 472 -6.21 10.37 4.40
CA HIS A 472 -7.57 10.55 4.88
C HIS A 472 -8.35 11.45 3.93
N GLY A 473 -9.45 10.92 3.38
CA GLY A 473 -10.17 11.59 2.31
C GLY A 473 -10.11 10.84 0.99
N SER A 474 -9.02 10.11 0.74
CA SER A 474 -8.85 9.41 -0.52
C SER A 474 -9.89 8.31 -0.78
N LEU A 475 -10.63 7.93 0.27
CA LEU A 475 -11.67 6.92 0.16
C LEU A 475 -13.03 7.46 0.58
N ASN A 476 -13.19 8.78 0.61
CA ASN A 476 -14.49 9.38 0.87
C ASN A 476 -15.55 8.91 -0.13
N HIS A 477 -15.12 8.49 -1.33
CA HIS A 477 -16.03 8.06 -2.38
C HIS A 477 -16.63 6.68 -2.15
N LEU A 478 -16.23 5.99 -1.06
CA LEU A 478 -16.85 4.74 -0.68
C LEU A 478 -18.13 4.94 0.13
N LEU A 479 -18.25 6.14 0.74
CA LEU A 479 -19.21 6.39 1.78
C LEU A 479 -20.35 7.29 1.30
N ARG A 480 -21.57 6.93 1.70
CA ARG A 480 -22.75 7.73 1.48
C ARG A 480 -22.61 9.03 2.26
N THR A 481 -22.11 8.91 3.48
CA THR A 481 -21.91 10.05 4.36
C THR A 481 -20.52 9.94 4.99
N ASN A 482 -19.74 11.03 4.88
CA ASN A 482 -18.41 11.10 5.49
C ASN A 482 -18.34 12.31 6.41
N THR A 483 -17.81 12.10 7.62
CA THR A 483 -17.64 13.18 8.57
C THR A 483 -16.36 13.96 8.26
N PHE A 484 -15.39 13.29 7.62
CA PHE A 484 -14.09 13.89 7.41
C PHE A 484 -14.08 14.63 6.08
N ARG A 485 -13.69 15.91 6.15
CA ARG A 485 -13.52 16.72 4.95
C ARG A 485 -12.04 17.06 4.79
N PRO A 486 -11.36 16.52 3.74
CA PRO A 486 -9.94 16.80 3.54
C PRO A 486 -9.71 18.23 3.07
N THR A 487 -8.60 18.81 3.53
CA THR A 487 -8.20 20.15 3.15
C THR A 487 -6.75 20.12 2.71
N MET A 488 -6.45 20.77 1.59
CA MET A 488 -5.08 20.92 1.14
C MET A 488 -4.18 21.47 2.25
N PRO A 489 -2.93 20.97 2.42
CA PRO A 489 -1.99 21.57 3.35
C PRO A 489 -1.59 22.99 2.95
N ASP A 490 -1.36 23.86 3.93
CA ASP A 490 -0.82 25.19 3.67
C ASP A 490 0.62 25.08 3.22
N GLU A 491 0.95 25.88 2.21
CA GLU A 491 2.30 26.04 1.71
C GLU A 491 3.15 26.75 2.76
N VAL A 492 4.37 26.25 3.00
CA VAL A 492 5.19 26.74 4.09
C VAL A 492 6.17 27.76 3.54
N SER A 493 7.01 27.33 2.61
CA SER A 493 7.93 28.21 1.90
C SER A 493 7.31 28.82 0.65
N ARG A 494 7.47 30.14 0.50
CA ARG A 494 7.08 30.85 -0.70
C ARG A 494 8.26 30.88 -1.68
N PRO A 495 8.00 30.75 -3.00
CA PRO A 495 9.08 30.90 -3.99
C PRO A 495 9.50 32.35 -4.19
N ASN A 496 10.76 32.54 -4.62
CA ASN A 496 11.22 33.76 -5.24
C ASN A 496 10.92 33.69 -6.74
N TYR A 497 10.77 34.84 -7.40
CA TYR A 497 10.62 34.85 -8.84
C TYR A 497 11.71 35.79 -9.36
N PRO A 498 13.01 35.37 -9.35
CA PRO A 498 14.11 36.28 -9.64
C PRO A 498 14.25 36.69 -11.10
N GLY A 499 14.58 37.97 -11.31
CA GLY A 499 14.89 38.47 -12.63
C GLY A 499 16.32 38.13 -13.04
N ILE A 500 16.69 38.54 -14.26
CA ILE A 500 18.08 38.49 -14.68
C ILE A 500 18.83 39.54 -13.87
N MET A 501 19.64 39.07 -12.92
CA MET A 501 20.28 39.93 -11.92
C MET A 501 21.75 39.54 -11.72
N TYR A 502 22.41 39.07 -12.80
CA TYR A 502 23.83 38.76 -12.79
C TYR A 502 24.38 38.80 -14.22
N LEU A 503 25.67 39.13 -14.36
CA LEU A 503 26.34 39.15 -15.65
C LEU A 503 27.08 37.83 -15.88
N GLN A 504 27.22 37.44 -17.15
CA GLN A 504 27.92 36.21 -17.48
C GLN A 504 29.31 36.19 -16.84
N SER A 505 30.12 37.17 -17.20
CA SER A 505 31.48 37.28 -16.69
C SER A 505 31.60 37.12 -15.17
N GLU A 506 30.52 37.42 -14.43
CA GLU A 506 30.50 37.22 -12.98
C GLU A 506 30.59 35.75 -12.57
N PHE A 507 30.22 34.85 -13.47
CA PHE A 507 30.21 33.44 -13.15
C PHE A 507 31.53 32.77 -13.51
N ASP A 508 32.12 32.10 -12.51
CA ASP A 508 33.30 31.27 -12.72
C ASP A 508 33.00 29.87 -12.20
N LEU A 509 32.37 29.05 -13.04
CA LEU A 509 31.96 27.71 -12.63
C LEU A 509 32.93 26.63 -13.08
N GLY A 510 33.64 26.87 -14.19
CA GLY A 510 34.54 25.88 -14.76
C GLY A 510 33.86 25.07 -15.87
N CYS A 511 32.90 25.71 -16.55
CA CYS A 511 32.04 25.03 -17.51
C CYS A 511 32.26 25.54 -18.93
N THR A 512 32.66 24.61 -19.81
CA THR A 512 32.82 24.87 -21.24
C THR A 512 31.46 24.79 -21.94
N CYS A 513 31.21 25.70 -22.88
CA CYS A 513 30.02 25.65 -23.73
C CYS A 513 30.14 26.63 -24.90
N ASP A 514 30.04 26.10 -26.13
CA ASP A 514 30.10 26.91 -27.35
C ASP A 514 28.86 27.80 -27.51
N GLU A 525 25.42 39.26 -27.99
CA GLU A 525 24.30 40.12 -27.63
C GLU A 525 23.01 39.58 -28.25
N LEU A 526 21.95 39.50 -27.45
CA LEU A 526 20.65 39.14 -27.94
C LEU A 526 19.72 39.92 -27.04
N ASN A 527 18.61 40.40 -27.59
CA ASN A 527 17.62 41.08 -26.77
C ASN A 527 17.16 40.09 -25.69
N LYS A 528 17.27 40.49 -24.42
CA LYS A 528 16.99 39.62 -23.29
C LYS A 528 15.65 39.88 -22.60
N ARG A 529 14.65 39.11 -23.01
CA ARG A 529 13.38 39.06 -22.32
C ARG A 529 13.18 37.57 -22.13
N LEU A 530 14.31 36.83 -22.09
CA LEU A 530 14.35 35.41 -22.41
C LEU A 530 13.66 34.48 -21.40
N HIS A 531 13.99 34.65 -20.12
CA HIS A 531 13.41 33.84 -19.07
C HIS A 531 11.93 34.20 -18.91
N THR A 532 11.15 33.80 -19.92
CA THR A 532 9.74 34.14 -20.07
C THR A 532 8.89 33.91 -18.84
N LYS A 533 8.67 34.98 -18.06
CA LYS A 533 7.82 34.87 -16.90
C LYS A 533 6.37 34.66 -17.34
N GLY A 534 6.18 34.28 -18.60
CA GLY A 534 4.85 34.11 -19.16
C GLY A 534 4.73 32.99 -20.20
N SER A 535 3.47 32.58 -20.42
CA SER A 535 3.13 31.45 -21.29
C SER A 535 3.51 30.10 -20.67
N THR A 536 4.67 30.06 -19.99
CA THR A 536 5.21 28.83 -19.47
C THR A 536 4.22 28.14 -18.53
N LYS A 537 3.87 28.81 -17.43
CA LYS A 537 2.95 28.24 -16.45
C LYS A 537 1.80 27.60 -17.19
N GLU A 538 1.20 28.34 -18.12
CA GLU A 538 0.02 27.84 -18.78
C GLU A 538 0.27 26.57 -19.57
N ARG A 539 1.50 26.38 -20.05
CA ARG A 539 1.75 25.22 -20.90
C ARG A 539 2.68 24.21 -20.26
N HIS A 540 3.21 24.53 -19.08
CA HIS A 540 4.12 23.63 -18.40
C HIS A 540 3.86 23.37 -16.92
N LEU A 541 3.05 24.23 -16.26
CA LEU A 541 2.48 23.89 -14.96
C LEU A 541 0.98 23.77 -15.11
N LEU A 542 0.52 22.57 -15.50
CA LEU A 542 -0.89 22.34 -15.78
C LEU A 542 -1.77 22.25 -14.54
N TYR A 543 -1.18 21.90 -13.39
CA TYR A 543 -1.96 21.60 -12.20
C TYR A 543 -1.50 22.43 -11.01
N GLY A 544 -1.00 23.63 -11.28
CA GLY A 544 -0.52 24.48 -10.22
C GLY A 544 0.92 24.16 -9.80
N ARG A 545 1.57 25.18 -9.25
CA ARG A 545 2.89 25.05 -8.65
C ARG A 545 2.81 24.04 -7.52
N PRO A 546 3.78 23.11 -7.40
CA PRO A 546 3.88 22.29 -6.18
C PRO A 546 4.08 23.18 -4.96
N ALA A 547 3.29 22.96 -3.90
CA ALA A 547 3.51 23.65 -2.64
C ALA A 547 4.69 22.98 -1.93
N VAL A 548 5.65 23.79 -1.47
CA VAL A 548 6.73 23.31 -0.62
C VAL A 548 6.27 23.36 0.83
N LEU A 549 6.16 22.20 1.46
CA LEU A 549 5.58 22.08 2.80
C LEU A 549 6.62 22.01 3.91
N TYR A 550 7.87 22.34 3.58
CA TYR A 550 8.92 22.53 4.55
C TYR A 550 9.56 23.90 4.37
N ARG A 551 10.28 24.36 5.39
CA ARG A 551 10.89 25.69 5.36
C ARG A 551 12.24 25.60 4.63
N THR A 552 12.30 26.24 3.47
CA THR A 552 13.52 26.34 2.69
C THR A 552 13.36 27.58 1.82
N SER A 553 14.32 27.82 0.93
CA SER A 553 14.25 28.95 0.02
C SER A 553 14.54 28.47 -1.39
N TYR A 554 13.61 28.78 -2.30
CA TYR A 554 13.74 28.32 -3.67
C TYR A 554 13.22 29.37 -4.64
N ASP A 555 13.62 29.23 -5.91
CA ASP A 555 13.31 30.20 -6.95
C ASP A 555 12.51 29.55 -8.07
N ILE A 556 11.45 30.20 -8.53
CA ILE A 556 10.73 29.70 -9.69
C ILE A 556 11.44 30.20 -10.93
N LEU A 557 11.86 29.26 -11.78
CA LEU A 557 12.61 29.58 -12.97
C LEU A 557 11.73 29.24 -14.18
N TYR A 558 11.57 30.19 -15.10
CA TYR A 558 10.77 29.94 -16.30
C TYR A 558 11.60 29.79 -17.56
N HIS A 559 11.10 29.02 -18.52
CA HIS A 559 11.78 28.79 -19.78
C HIS A 559 10.71 28.48 -20.81
N THR A 560 11.09 28.45 -22.08
CA THR A 560 10.16 28.14 -23.15
C THR A 560 9.56 26.75 -23.00
N ASP A 561 10.40 25.77 -22.65
CA ASP A 561 10.01 24.36 -22.68
C ASP A 561 9.77 23.75 -21.31
N PHE A 562 10.16 24.46 -20.25
CA PHE A 562 10.00 23.93 -18.90
C PHE A 562 9.98 25.00 -17.83
N GLU A 563 9.51 24.62 -16.65
CA GLU A 563 9.54 25.49 -15.50
C GLU A 563 10.12 24.67 -14.37
N SER A 564 10.82 25.33 -13.45
CA SER A 564 11.42 24.63 -12.32
C SER A 564 11.33 25.43 -11.02
N GLY A 565 11.39 24.70 -9.91
CA GLY A 565 11.56 25.26 -8.58
C GLY A 565 12.98 24.95 -8.10
N TYR A 566 13.88 25.93 -8.26
CA TYR A 566 15.29 25.73 -7.96
C TYR A 566 15.56 25.95 -6.48
N SER A 567 16.18 24.96 -5.83
CA SER A 567 16.55 25.09 -4.43
C SER A 567 17.92 25.76 -4.31
N GLU A 568 18.01 26.74 -3.41
CA GLU A 568 19.27 27.39 -3.12
C GLU A 568 20.08 26.64 -2.08
N ILE A 569 19.41 25.72 -1.35
CA ILE A 569 20.05 24.91 -0.33
C ILE A 569 20.71 23.68 -0.97
N PHE A 570 19.97 23.01 -1.86
CA PHE A 570 20.45 21.78 -2.48
C PHE A 570 21.08 22.05 -3.85
N LEU A 571 21.03 23.31 -4.29
CA LEU A 571 21.69 23.73 -5.51
C LEU A 571 21.25 22.93 -6.74
N MET A 572 19.97 22.58 -6.77
CA MET A 572 19.35 21.94 -7.92
C MET A 572 17.83 22.07 -7.76
N PRO A 573 17.04 21.80 -8.83
CA PRO A 573 15.58 21.86 -8.74
C PRO A 573 15.01 20.85 -7.75
N LEU A 574 13.98 21.26 -7.03
CA LEU A 574 13.14 20.37 -6.26
C LEU A 574 12.17 19.69 -7.21
N TRP A 575 11.75 20.44 -8.22
CA TRP A 575 10.86 19.91 -9.24
C TRP A 575 11.15 20.63 -10.55
N THR A 576 10.97 19.89 -11.64
CA THR A 576 11.09 20.40 -13.00
C THR A 576 9.82 19.92 -13.69
N SER A 577 9.05 20.87 -14.24
CA SER A 577 7.77 20.59 -14.87
C SER A 577 7.76 21.00 -16.33
N TYR A 578 7.36 20.07 -17.22
CA TYR A 578 7.26 20.37 -18.64
C TYR A 578 6.24 19.47 -19.32
N THR A 579 5.62 19.99 -20.39
CA THR A 579 4.61 19.28 -21.14
C THR A 579 5.15 18.93 -22.52
N ILE A 580 4.99 17.66 -22.91
CA ILE A 580 5.41 17.15 -24.19
C ILE A 580 4.16 16.72 -24.96
N SER A 581 3.84 17.39 -26.07
CA SER A 581 2.66 17.03 -26.85
C SER A 581 2.85 15.73 -27.63
N LYS A 582 1.73 15.14 -28.06
CA LYS A 582 1.71 13.94 -28.88
C LYS A 582 2.67 14.01 -30.06
N GLN A 583 2.79 15.19 -30.67
CA GLN A 583 3.56 15.35 -31.90
C GLN A 583 4.94 15.94 -31.64
N ALA A 584 5.28 16.11 -30.37
CA ALA A 584 6.57 16.67 -29.99
C ALA A 584 7.69 15.93 -30.71
N GLU A 585 8.75 16.68 -31.04
CA GLU A 585 9.84 16.15 -31.84
C GLU A 585 11.05 15.91 -30.95
N VAL A 586 11.75 14.80 -31.22
CA VAL A 586 12.92 14.41 -30.45
C VAL A 586 14.15 14.75 -31.27
N SER A 587 15.07 15.52 -30.68
CA SER A 587 16.36 15.80 -31.27
C SER A 587 17.49 15.24 -30.41
N SER A 588 18.68 15.07 -31.00
CA SER A 588 19.85 14.62 -30.27
C SER A 588 20.59 15.82 -29.66
N ILE A 589 21.57 15.53 -28.82
CA ILE A 589 22.48 16.55 -28.31
C ILE A 589 23.67 16.65 -29.26
N PRO A 590 23.91 17.80 -29.92
CA PRO A 590 25.05 17.94 -30.82
C PRO A 590 26.40 17.71 -30.15
N GLU A 591 27.42 17.39 -30.97
CA GLU A 591 28.78 17.20 -30.51
C GLU A 591 29.32 18.43 -29.76
N HIS A 592 28.95 19.63 -30.23
CA HIS A 592 29.47 20.87 -29.67
C HIS A 592 28.77 21.35 -28.40
N LEU A 593 27.67 20.69 -28.04
CA LEU A 593 26.99 20.95 -26.78
C LEU A 593 26.99 19.75 -25.83
N THR A 594 27.84 18.76 -26.12
CA THR A 594 27.92 17.55 -25.30
C THR A 594 28.30 17.88 -23.86
N ASN A 595 29.35 18.68 -23.70
CA ASN A 595 29.83 19.09 -22.39
C ASN A 595 29.45 20.53 -22.07
N CYS A 596 28.38 21.04 -22.70
CA CYS A 596 27.92 22.40 -22.45
C CYS A 596 27.15 22.49 -21.14
N VAL A 597 27.62 23.35 -20.25
CA VAL A 597 26.89 23.68 -19.04
C VAL A 597 26.93 25.19 -18.98
N ARG A 598 25.77 25.83 -18.82
CA ARG A 598 25.69 27.28 -18.88
C ARG A 598 25.27 27.86 -17.55
N PRO A 599 25.77 29.06 -17.18
CA PRO A 599 25.37 29.71 -15.93
C PRO A 599 24.02 30.40 -16.08
N ASP A 600 23.25 30.44 -14.98
CA ASP A 600 21.95 31.09 -15.02
C ASP A 600 22.20 32.48 -14.51
N VAL A 601 21.51 33.46 -15.08
CA VAL A 601 21.73 34.82 -14.67
C VAL A 601 20.64 35.25 -13.69
N ARG A 602 19.94 34.27 -13.11
CA ARG A 602 18.91 34.58 -12.13
C ARG A 602 19.31 34.10 -10.74
N VAL A 603 20.46 33.43 -10.66
CA VAL A 603 20.85 32.79 -9.41
C VAL A 603 22.35 33.00 -9.20
N SER A 604 22.75 33.34 -7.97
CA SER A 604 24.12 33.76 -7.71
C SER A 604 25.08 32.58 -7.79
N PRO A 605 26.36 32.80 -8.18
CA PRO A 605 27.39 31.76 -8.17
C PRO A 605 27.39 30.92 -6.91
N GLY A 606 27.19 31.59 -5.76
CA GLY A 606 27.14 30.93 -4.47
C GLY A 606 26.05 29.86 -4.37
N PHE A 607 24.87 30.14 -4.93
CA PHE A 607 23.75 29.20 -4.93
C PHE A 607 23.65 28.39 -6.22
N SER A 608 24.78 28.22 -6.92
CA SER A 608 24.87 27.43 -8.14
C SER A 608 25.80 26.25 -7.91
N GLN A 609 25.66 25.21 -8.74
CA GLN A 609 26.62 24.12 -8.79
C GLN A 609 27.82 24.60 -9.60
N ASN A 610 28.86 23.77 -9.67
CA ASN A 610 29.99 24.05 -10.55
C ASN A 610 30.49 22.75 -11.18
N CYS A 611 31.17 22.89 -12.33
CA CYS A 611 31.68 21.76 -13.09
C CYS A 611 32.96 21.15 -12.51
N LEU A 612 33.69 21.92 -11.68
CA LEU A 612 34.95 21.46 -11.12
C LEU A 612 34.69 20.29 -10.18
N ALA A 613 33.60 20.40 -9.41
CA ALA A 613 33.15 19.31 -8.53
C ALA A 613 33.10 17.98 -9.27
N TYR A 614 32.49 17.99 -10.47
CA TYR A 614 32.27 16.78 -11.25
C TYR A 614 33.54 16.26 -11.92
N LYS A 615 34.37 17.19 -12.41
CA LYS A 615 35.65 16.84 -13.00
C LYS A 615 36.64 16.31 -11.96
N ASN A 616 36.44 16.67 -10.68
CA ASN A 616 37.21 16.11 -9.59
C ASN A 616 36.66 14.77 -9.09
N ASP A 617 35.35 14.55 -9.26
CA ASP A 617 34.69 13.34 -8.80
C ASP A 617 34.83 12.24 -9.86
N LYS A 618 35.68 11.26 -9.55
CA LYS A 618 35.98 10.14 -10.44
C LYS A 618 34.76 9.28 -10.75
N GLN A 619 33.85 9.17 -9.77
CA GLN A 619 32.68 8.29 -9.88
C GLN A 619 31.43 8.99 -10.41
N MET A 620 31.26 10.27 -10.08
CA MET A 620 30.02 10.99 -10.33
C MET A 620 30.09 11.85 -11.60
N SER A 621 28.96 11.90 -12.32
CA SER A 621 28.78 12.76 -13.48
C SER A 621 27.51 13.57 -13.28
N TYR A 622 26.91 14.06 -14.37
CA TYR A 622 25.73 14.90 -14.28
C TYR A 622 24.77 14.66 -15.44
N GLY A 623 23.47 14.85 -15.16
CA GLY A 623 22.43 14.83 -16.17
C GLY A 623 21.57 16.07 -16.03
N PHE A 624 20.49 16.12 -16.80
CA PHE A 624 19.59 17.25 -16.80
C PHE A 624 18.18 16.75 -16.52
N LEU A 625 17.40 17.52 -15.73
CA LEU A 625 16.03 17.15 -15.39
C LEU A 625 15.13 17.40 -16.58
N PHE A 626 15.12 18.64 -17.09
CA PHE A 626 14.49 18.89 -18.38
C PHE A 626 15.39 18.32 -19.48
N PRO A 627 14.88 17.44 -20.36
CA PRO A 627 15.71 16.80 -21.38
C PRO A 627 16.04 17.72 -22.55
N PRO A 628 17.35 17.93 -22.89
CA PRO A 628 17.72 18.55 -24.15
C PRO A 628 17.23 17.85 -25.41
N TYR A 629 16.82 16.59 -25.29
CA TYR A 629 16.27 15.85 -26.43
C TYR A 629 14.89 16.36 -26.87
N LEU A 630 14.18 17.03 -25.97
CA LEU A 630 12.83 17.50 -26.24
C LEU A 630 12.69 19.02 -26.31
N SER A 631 13.81 19.72 -26.48
CA SER A 631 13.77 21.15 -26.73
C SER A 631 12.88 21.47 -27.93
N SER A 632 12.22 22.64 -27.88
CA SER A 632 11.25 23.02 -28.90
C SER A 632 11.89 23.73 -30.10
N SER A 633 13.16 24.13 -29.96
CA SER A 633 13.93 24.70 -31.05
C SER A 633 15.44 24.58 -30.77
N PRO A 634 16.32 24.76 -31.78
CA PRO A 634 17.77 24.87 -31.51
C PRO A 634 18.10 25.93 -30.46
N GLU A 635 17.35 27.05 -30.45
CA GLU A 635 17.58 28.13 -29.51
C GLU A 635 17.21 27.73 -28.08
N ALA A 636 15.97 27.24 -27.91
CA ALA A 636 15.47 26.83 -26.60
C ALA A 636 16.35 25.78 -25.93
N LYS A 637 16.98 24.91 -26.75
CA LYS A 637 17.83 23.83 -26.26
C LYS A 637 18.96 24.30 -25.36
N TYR A 638 19.43 25.54 -25.55
CA TYR A 638 20.47 26.11 -24.70
C TYR A 638 20.04 26.28 -23.24
N ASP A 639 18.73 26.46 -23.02
CA ASP A 639 18.22 26.58 -21.66
C ASP A 639 18.30 25.24 -20.93
N ALA A 640 18.27 24.14 -21.68
CA ALA A 640 18.36 22.81 -21.09
C ALA A 640 19.77 22.50 -20.59
N PHE A 641 20.75 23.31 -21.01
CA PHE A 641 22.12 23.14 -20.53
C PHE A 641 22.47 24.12 -19.40
N LEU A 642 21.46 24.79 -18.84
CA LEU A 642 21.69 25.64 -17.70
C LEU A 642 22.16 24.83 -16.49
N VAL A 643 23.01 25.47 -15.67
CA VAL A 643 23.55 24.86 -14.46
C VAL A 643 22.43 24.63 -13.45
N THR A 644 21.39 25.44 -13.52
CA THR A 644 20.25 25.26 -12.65
C THR A 644 19.37 24.06 -13.00
N ASN A 645 19.54 23.49 -14.21
CA ASN A 645 18.80 22.31 -14.65
C ASN A 645 19.61 21.02 -14.49
N MET A 646 20.77 21.14 -13.85
CA MET A 646 21.73 20.05 -13.81
C MET A 646 21.67 19.35 -12.46
N VAL A 647 21.82 18.02 -12.48
CA VAL A 647 21.74 17.22 -11.27
C VAL A 647 22.80 16.12 -11.33
N PRO A 648 23.38 15.69 -10.19
CA PRO A 648 24.40 14.66 -10.17
C PRO A 648 23.85 13.28 -10.53
N MET A 649 24.48 12.66 -11.53
CA MET A 649 24.12 11.33 -11.97
C MET A 649 25.36 10.48 -12.25
N TYR A 650 25.38 9.29 -11.66
CA TYR A 650 26.37 8.30 -12.03
C TYR A 650 26.24 7.99 -13.52
N PRO A 651 27.36 7.71 -14.23
CA PRO A 651 27.29 7.16 -15.59
C PRO A 651 26.29 6.03 -15.78
N ALA A 652 26.25 5.09 -14.83
CA ALA A 652 25.38 3.94 -14.95
C ALA A 652 23.92 4.39 -15.04
N PHE A 653 23.57 5.39 -14.21
CA PHE A 653 22.21 5.87 -14.10
C PHE A 653 21.81 6.71 -15.31
N LYS A 654 22.80 7.42 -15.89
CA LYS A 654 22.57 8.19 -17.09
C LYS A 654 22.11 7.33 -18.26
N ARG A 655 22.55 6.07 -18.29
CA ARG A 655 22.04 5.15 -19.29
C ARG A 655 20.53 5.03 -19.18
N VAL A 656 20.04 4.95 -17.93
CA VAL A 656 18.62 4.79 -17.67
C VAL A 656 17.90 6.09 -17.97
N TRP A 657 18.40 7.16 -17.35
CA TRP A 657 17.77 8.47 -17.42
C TRP A 657 17.75 8.99 -18.86
N ALA A 658 18.84 8.80 -19.59
CA ALA A 658 18.93 9.26 -20.97
C ALA A 658 17.93 8.52 -21.86
N TYR A 659 17.79 7.22 -21.63
CA TYR A 659 16.84 6.42 -22.38
C TYR A 659 15.41 6.86 -22.08
N PHE A 660 15.12 7.08 -20.79
CA PHE A 660 13.85 7.65 -20.40
C PHE A 660 13.58 8.95 -21.16
N GLN A 661 14.57 9.85 -21.18
CA GLN A 661 14.38 11.20 -21.68
C GLN A 661 14.29 11.26 -23.20
N ARG A 662 15.16 10.49 -23.87
CA ARG A 662 15.26 10.51 -25.32
C ARG A 662 14.18 9.68 -25.99
N VAL A 663 13.80 8.54 -25.38
CA VAL A 663 12.90 7.58 -26.02
C VAL A 663 11.51 7.53 -25.37
N LEU A 664 11.48 7.32 -24.05
CA LEU A 664 10.25 6.94 -23.36
C LEU A 664 9.27 8.08 -23.12
N VAL A 665 9.77 9.28 -22.79
CA VAL A 665 8.89 10.44 -22.64
C VAL A 665 8.12 10.65 -23.95
N LYS A 666 8.81 10.52 -25.09
CA LYS A 666 8.18 10.69 -26.39
C LYS A 666 7.11 9.61 -26.61
N LYS A 667 7.45 8.34 -26.34
CA LYS A 667 6.53 7.23 -26.44
C LYS A 667 5.27 7.43 -25.58
N TYR A 668 5.44 7.92 -24.36
CA TYR A 668 4.31 8.16 -23.48
C TYR A 668 3.45 9.28 -24.03
N ALA A 669 4.09 10.38 -24.44
CA ALA A 669 3.39 11.48 -25.10
C ALA A 669 2.59 11.00 -26.31
N SER A 670 3.17 10.08 -27.10
CA SER A 670 2.52 9.53 -28.28
C SER A 670 1.31 8.66 -27.96
N GLU A 671 1.43 7.89 -26.87
CA GLU A 671 0.40 6.95 -26.45
C GLU A 671 -0.75 7.65 -25.72
N ARG A 672 -0.43 8.69 -24.94
CA ARG A 672 -1.41 9.28 -24.05
C ARG A 672 -1.88 10.67 -24.47
N ASN A 673 -1.52 11.08 -25.70
CA ASN A 673 -1.97 12.35 -26.25
C ASN A 673 -1.35 13.47 -25.43
N GLY A 674 -0.02 13.46 -25.35
CA GLY A 674 0.71 14.43 -24.58
C GLY A 674 0.86 13.98 -23.13
N VAL A 675 2.01 14.32 -22.52
CA VAL A 675 2.20 14.13 -21.09
C VAL A 675 2.80 15.38 -20.46
N ASN A 676 2.41 15.64 -19.20
CA ASN A 676 3.09 16.58 -18.33
C ASN A 676 4.01 15.75 -17.44
N VAL A 677 5.28 16.14 -17.39
CA VAL A 677 6.28 15.46 -16.59
C VAL A 677 6.72 16.40 -15.47
N ILE A 678 6.67 15.93 -14.22
CA ILE A 678 7.32 16.60 -13.11
C ILE A 678 8.44 15.67 -12.64
N SER A 679 9.69 16.07 -12.87
CA SER A 679 10.85 15.30 -12.46
C SER A 679 11.65 16.04 -11.39
N GLY A 680 12.31 15.27 -10.54
CA GLY A 680 13.16 15.87 -9.52
C GLY A 680 14.00 14.87 -8.74
N PRO A 681 14.87 15.39 -7.85
CA PRO A 681 15.67 14.55 -6.96
C PRO A 681 14.90 14.18 -5.71
N ILE A 682 15.33 13.07 -5.08
CA ILE A 682 14.84 12.62 -3.79
C ILE A 682 16.07 12.28 -2.96
N PHE A 683 16.04 12.69 -1.69
CA PHE A 683 17.09 12.35 -0.75
C PHE A 683 16.46 11.55 0.39
N ASP A 684 16.79 10.25 0.45
CA ASP A 684 16.34 9.40 1.55
C ASP A 684 17.44 8.43 1.98
N TYR A 685 18.51 8.99 2.56
CA TYR A 685 19.66 8.22 3.00
C TYR A 685 19.39 7.36 4.22
N ASN A 686 18.38 7.73 5.02
CA ASN A 686 17.95 6.89 6.13
C ASN A 686 16.75 5.97 5.80
N TYR A 687 16.38 5.89 4.52
CA TYR A 687 15.33 5.02 4.03
C TYR A 687 14.11 4.91 4.94
N ASP A 688 13.60 6.08 5.38
CA ASP A 688 12.36 6.14 6.14
C ASP A 688 11.18 6.57 5.27
N GLY A 689 11.42 6.64 3.95
CA GLY A 689 10.41 7.08 3.01
C GLY A 689 10.05 8.56 3.13
N LEU A 690 10.88 9.31 3.86
CA LEU A 690 10.58 10.72 4.11
C LEU A 690 11.72 11.64 3.70
N ARG A 691 11.36 12.79 3.10
CA ARG A 691 12.29 13.84 2.75
C ARG A 691 13.39 14.00 3.79
N ASP A 692 14.64 13.77 3.40
CA ASP A 692 15.79 14.03 4.27
C ASP A 692 15.93 15.51 4.60
N THR A 693 16.44 15.81 5.79
CA THR A 693 16.94 17.13 6.12
C THR A 693 18.36 17.23 5.58
N GLU A 694 18.91 18.45 5.57
CA GLU A 694 20.26 18.69 5.10
C GLU A 694 21.27 17.82 5.85
N ASP A 695 20.99 17.63 7.15
CA ASP A 695 21.85 16.91 8.07
C ASP A 695 21.91 15.42 7.74
N GLU A 696 20.82 14.89 7.19
CA GLU A 696 20.70 13.47 6.88
C GLU A 696 21.39 13.07 5.58
N ILE A 697 21.83 14.05 4.78
CA ILE A 697 22.46 13.78 3.50
C ILE A 697 23.88 13.30 3.75
N LYS A 698 24.19 12.09 3.28
CA LYS A 698 25.44 11.44 3.61
C LYS A 698 26.43 11.36 2.45
N GLN A 699 26.11 12.00 1.32
CA GLN A 699 26.99 12.01 0.17
C GLN A 699 26.84 13.29 -0.64
N TYR A 700 27.97 13.90 -0.99
CA TYR A 700 27.99 15.09 -1.81
C TYR A 700 28.92 14.79 -2.97
N VAL A 701 28.80 15.58 -4.04
CA VAL A 701 29.75 15.54 -5.13
C VAL A 701 31.09 16.00 -4.57
N GLU A 702 32.19 15.43 -5.10
CA GLU A 702 33.53 15.59 -4.54
C GLU A 702 33.89 17.05 -4.25
N GLY A 703 34.24 17.31 -2.99
CA GLY A 703 34.76 18.59 -2.54
C GLY A 703 33.76 19.75 -2.66
N SER A 704 32.47 19.41 -2.69
CA SER A 704 31.42 20.38 -2.97
C SER A 704 30.30 20.30 -1.94
N SER A 705 29.38 21.25 -2.04
CA SER A 705 28.23 21.31 -1.18
C SER A 705 26.99 20.73 -1.89
N ILE A 706 27.23 20.08 -3.04
CA ILE A 706 26.15 19.60 -3.90
C ILE A 706 25.79 18.18 -3.50
N PRO A 707 24.59 17.97 -2.92
CA PRO A 707 24.19 16.63 -2.47
C PRO A 707 23.84 15.66 -3.60
N VAL A 708 24.06 14.36 -3.35
CA VAL A 708 23.75 13.33 -4.32
C VAL A 708 22.38 12.75 -4.00
N PRO A 709 21.37 12.89 -4.89
CA PRO A 709 20.08 12.22 -4.69
C PRO A 709 20.23 10.70 -4.59
N THR A 710 19.39 10.09 -3.75
CA THR A 710 19.31 8.65 -3.66
C THR A 710 18.42 8.13 -4.77
N HIS A 711 17.51 8.99 -5.25
CA HIS A 711 16.54 8.60 -6.25
C HIS A 711 16.21 9.80 -7.13
N TYR A 712 15.67 9.49 -8.32
CA TYR A 712 15.05 10.48 -9.19
C TYR A 712 13.61 10.04 -9.46
N TYR A 713 12.66 10.98 -9.29
CA TYR A 713 11.27 10.71 -9.55
C TYR A 713 10.81 11.39 -10.84
N SER A 714 9.71 10.87 -11.40
CA SER A 714 8.95 11.60 -12.40
C SER A 714 7.48 11.26 -12.19
N ILE A 715 6.61 12.27 -12.39
CA ILE A 715 5.17 12.12 -12.33
C ILE A 715 4.67 12.47 -13.72
N ILE A 716 4.08 11.47 -14.40
CA ILE A 716 3.60 11.64 -15.75
C ILE A 716 2.09 11.74 -15.75
N THR A 717 1.58 12.96 -16.00
CA THR A 717 0.15 13.22 -15.96
C THR A 717 -0.39 13.46 -17.37
N SER A 718 -1.65 13.06 -17.58
CA SER A 718 -2.36 13.28 -18.82
C SER A 718 -3.85 13.17 -18.57
N CYS A 719 -4.64 13.34 -19.63
CA CYS A 719 -6.08 13.33 -19.53
C CYS A 719 -6.58 11.89 -19.53
N LEU A 720 -7.50 11.58 -18.61
CA LEU A 720 -8.08 10.25 -18.56
C LEU A 720 -8.80 10.03 -19.88
N ASP A 721 -9.50 11.08 -20.31
CA ASP A 721 -10.03 11.18 -21.66
C ASP A 721 -8.89 11.44 -22.66
N PHE A 722 -8.31 10.36 -23.20
CA PHE A 722 -7.17 10.47 -24.10
C PHE A 722 -7.47 11.10 -25.45
N THR A 723 -8.75 11.39 -25.72
CA THR A 723 -9.14 12.14 -26.90
C THR A 723 -8.88 13.64 -26.70
N GLN A 724 -8.58 14.03 -25.46
CA GLN A 724 -8.22 15.40 -25.17
C GLN A 724 -6.72 15.41 -24.90
N PRO A 725 -5.99 16.45 -25.36
CA PRO A 725 -4.57 16.56 -25.07
C PRO A 725 -4.37 16.87 -23.60
N ALA A 726 -3.15 16.64 -23.10
CA ALA A 726 -2.83 16.85 -21.71
C ALA A 726 -2.98 18.31 -21.27
N ASP A 727 -2.71 19.24 -22.19
CA ASP A 727 -2.79 20.66 -21.85
C ASP A 727 -4.18 21.21 -22.05
N LYS A 728 -5.11 20.38 -22.54
CA LYS A 728 -6.47 20.85 -22.76
C LYS A 728 -7.41 19.76 -22.28
N CYS A 729 -7.25 19.39 -21.01
CA CYS A 729 -8.07 18.35 -20.41
C CYS A 729 -9.12 19.06 -19.55
N ASP A 730 -10.38 18.66 -19.69
CA ASP A 730 -11.42 19.33 -18.93
C ASP A 730 -11.94 18.44 -17.81
N GLY A 731 -11.35 17.26 -17.67
CA GLY A 731 -11.89 16.27 -16.74
C GLY A 731 -10.83 15.51 -15.95
N PRO A 732 -11.16 14.29 -15.48
CA PRO A 732 -10.27 13.49 -14.64
C PRO A 732 -8.88 13.31 -15.25
N LEU A 733 -7.87 13.20 -14.39
CA LEU A 733 -6.49 13.08 -14.80
C LEU A 733 -6.07 11.62 -14.76
N SER A 734 -5.07 11.28 -15.58
CA SER A 734 -4.43 9.98 -15.54
C SER A 734 -2.99 10.20 -15.13
N VAL A 735 -2.53 9.39 -14.17
CA VAL A 735 -1.17 9.50 -13.69
C VAL A 735 -0.42 8.16 -13.68
N SER A 736 0.89 8.25 -13.90
CA SER A 736 1.84 7.15 -13.74
C SER A 736 3.08 7.83 -13.17
N SER A 737 3.73 7.23 -12.16
CA SER A 737 4.93 7.81 -11.56
C SER A 737 5.96 6.73 -11.26
N PHE A 738 7.22 7.15 -11.11
CA PHE A 738 8.29 6.28 -10.64
C PHE A 738 9.27 7.00 -9.71
N ILE A 739 9.99 6.21 -8.89
CA ILE A 739 11.04 6.66 -8.02
C ILE A 739 12.22 5.76 -8.36
N LEU A 740 13.10 6.22 -9.25
CA LEU A 740 14.19 5.40 -9.73
C LEU A 740 15.35 5.46 -8.74
N PRO A 741 15.92 4.30 -8.33
CA PRO A 741 17.11 4.31 -7.48
C PRO A 741 18.30 4.86 -8.24
N HIS A 742 18.94 5.86 -7.65
CA HIS A 742 20.11 6.48 -8.25
C HIS A 742 21.31 5.61 -7.88
N ARG A 743 21.58 4.59 -8.70
CA ARG A 743 22.62 3.62 -8.42
C ARG A 743 23.86 3.77 -9.30
N PRO A 744 25.08 3.48 -8.77
CA PRO A 744 26.33 3.58 -9.53
C PRO A 744 26.60 2.46 -10.54
N ASP A 745 25.71 1.45 -10.53
CA ASP A 745 25.75 0.36 -11.47
C ASP A 745 24.32 0.00 -11.88
N ASN A 746 24.20 -0.95 -12.82
CA ASN A 746 22.92 -1.51 -13.20
C ASN A 746 22.85 -3.01 -12.91
N ASP A 747 23.39 -3.40 -11.74
CA ASP A 747 23.42 -4.79 -11.34
C ASP A 747 22.02 -5.31 -11.08
N GLU A 748 21.14 -4.45 -10.57
CA GLU A 748 19.73 -4.78 -10.42
C GLU A 748 19.08 -5.30 -11.70
N SER A 749 19.53 -4.82 -12.86
CA SER A 749 18.96 -5.22 -14.14
C SER A 749 19.89 -6.21 -14.83
N CYS A 750 19.47 -7.48 -14.89
CA CYS A 750 20.35 -8.54 -15.36
C CYS A 750 20.62 -8.49 -16.86
N ASN A 751 19.76 -7.81 -17.62
CA ASN A 751 19.99 -7.62 -19.05
C ASN A 751 20.58 -6.24 -19.37
N SER A 752 21.23 -5.62 -18.38
CA SER A 752 21.76 -4.27 -18.54
C SER A 752 22.97 -4.14 -19.47
N SER A 753 23.60 -5.26 -19.86
CA SER A 753 24.69 -5.15 -20.83
C SER A 753 24.16 -5.03 -22.26
N GLU A 754 22.87 -5.33 -22.45
CA GLU A 754 22.21 -5.17 -23.73
C GLU A 754 21.75 -3.73 -23.91
N ASP A 755 21.20 -3.44 -25.09
CA ASP A 755 20.62 -2.14 -25.39
C ASP A 755 19.56 -1.77 -24.36
N GLU A 756 19.42 -0.48 -24.09
CA GLU A 756 18.52 0.01 -23.06
C GLU A 756 17.06 -0.30 -23.35
N SER A 757 16.72 -0.46 -24.64
CA SER A 757 15.39 -0.92 -25.04
C SER A 757 15.03 -2.31 -24.52
N LYS A 758 16.01 -3.04 -23.99
CA LYS A 758 15.78 -4.39 -23.49
C LYS A 758 15.64 -4.47 -21.98
N TRP A 759 15.79 -3.36 -21.26
CA TRP A 759 15.82 -3.44 -19.81
C TRP A 759 15.42 -2.20 -19.02
N VAL A 760 15.61 -0.99 -19.57
CA VAL A 760 15.34 0.20 -18.79
C VAL A 760 13.87 0.34 -18.39
N GLU A 761 12.97 0.13 -19.36
CA GLU A 761 11.56 0.32 -19.06
C GLU A 761 11.09 -0.66 -17.99
N GLU A 762 11.68 -1.86 -17.97
CA GLU A 762 11.30 -2.85 -16.98
C GLU A 762 11.79 -2.43 -15.60
N LEU A 763 12.97 -1.81 -15.54
CA LEU A 763 13.46 -1.26 -14.29
C LEU A 763 12.51 -0.20 -13.75
N MET A 764 12.08 0.70 -14.64
CA MET A 764 11.15 1.74 -14.28
C MET A 764 9.80 1.22 -13.77
N LYS A 765 9.28 0.17 -14.43
CA LYS A 765 8.04 -0.47 -14.00
C LYS A 765 8.15 -1.06 -12.60
N MET A 766 9.27 -1.72 -12.31
CA MET A 766 9.54 -2.22 -10.97
C MET A 766 9.48 -1.12 -9.91
N HIS A 767 9.87 0.12 -10.29
CA HIS A 767 10.00 1.24 -9.37
C HIS A 767 8.87 2.26 -9.53
N THR A 768 7.75 1.78 -10.06
CA THR A 768 6.52 2.55 -10.07
C THR A 768 6.18 3.02 -8.67
N ALA A 769 5.46 4.15 -8.60
CA ALA A 769 5.26 4.84 -7.34
C ALA A 769 3.94 5.59 -7.37
N ARG A 770 3.38 5.82 -6.18
CA ARG A 770 2.25 6.73 -6.05
C ARG A 770 2.83 8.14 -5.97
N VAL A 771 2.04 9.12 -6.43
CA VAL A 771 2.39 10.50 -6.21
C VAL A 771 2.60 10.75 -4.72
N ARG A 772 1.75 10.11 -3.89
CA ARG A 772 1.82 10.26 -2.44
C ARG A 772 3.17 9.83 -1.89
N ASP A 773 3.76 8.79 -2.48
CA ASP A 773 5.09 8.35 -2.11
C ASP A 773 6.13 9.44 -2.38
N ILE A 774 5.98 10.12 -3.53
CA ILE A 774 6.92 11.15 -3.91
C ILE A 774 6.74 12.35 -2.98
N GLU A 775 5.49 12.62 -2.60
CA GLU A 775 5.19 13.70 -1.67
C GLU A 775 5.86 13.51 -0.31
N HIS A 776 5.81 12.27 0.21
CA HIS A 776 6.46 11.95 1.47
C HIS A 776 7.96 12.18 1.35
N LEU A 777 8.51 11.78 0.20
CA LEU A 777 9.94 11.78 -0.04
C LEU A 777 10.50 13.15 -0.43
N THR A 778 9.65 14.10 -0.79
CA THR A 778 10.09 15.41 -1.25
C THR A 778 9.55 16.57 -0.40
N GLY A 779 8.46 16.35 0.33
CA GLY A 779 7.82 17.44 1.05
C GLY A 779 7.16 18.46 0.12
N LEU A 780 6.81 18.00 -1.08
CA LEU A 780 6.02 18.78 -2.03
C LEU A 780 4.59 18.24 -1.99
N ASP A 781 3.63 19.13 -2.28
CA ASP A 781 2.25 18.78 -2.52
C ASP A 781 1.86 19.15 -3.96
N PHE A 782 1.44 18.15 -4.74
CA PHE A 782 1.13 18.30 -6.15
C PHE A 782 -0.37 18.45 -6.37
N TYR A 783 -0.73 18.90 -7.58
CA TYR A 783 -2.10 19.01 -8.05
C TYR A 783 -2.95 19.98 -7.23
N ARG A 784 -2.38 21.14 -6.90
CA ARG A 784 -3.02 22.14 -6.07
C ARG A 784 -4.08 22.94 -6.83
N LYS A 785 -3.87 23.14 -8.14
CA LYS A 785 -4.77 23.90 -9.00
C LYS A 785 -5.38 23.05 -10.11
N THR A 786 -6.58 22.50 -9.88
CA THR A 786 -7.26 21.67 -10.87
C THR A 786 -8.74 22.02 -10.82
N SER A 787 -9.51 21.43 -11.73
CA SER A 787 -10.95 21.59 -11.76
C SER A 787 -11.62 20.42 -11.07
N ARG A 788 -10.83 19.60 -10.39
CA ARG A 788 -11.32 18.38 -9.76
C ARG A 788 -11.49 18.61 -8.27
N SER A 789 -12.41 17.88 -7.65
CA SER A 789 -12.56 17.91 -6.21
C SER A 789 -11.28 17.39 -5.55
N TYR A 790 -10.98 17.93 -4.37
CA TYR A 790 -9.73 17.62 -3.69
C TYR A 790 -9.72 16.15 -3.27
N SER A 791 -10.89 15.60 -2.96
CA SER A 791 -10.96 14.19 -2.61
C SER A 791 -10.62 13.32 -3.82
N GLU A 792 -11.06 13.72 -5.02
CA GLU A 792 -10.69 13.00 -6.22
C GLU A 792 -9.18 13.07 -6.44
N ILE A 793 -8.59 14.24 -6.19
CA ILE A 793 -7.15 14.43 -6.32
C ILE A 793 -6.37 13.57 -5.33
N LEU A 794 -6.89 13.43 -4.10
CA LEU A 794 -6.30 12.52 -3.14
C LEU A 794 -6.30 11.08 -3.68
N THR A 795 -7.42 10.71 -4.32
CA THR A 795 -7.54 9.41 -4.96
C THR A 795 -6.50 9.27 -6.07
N LEU A 796 -6.33 10.34 -6.86
CA LEU A 796 -5.35 10.35 -7.93
C LEU A 796 -3.95 10.14 -7.35
N LYS A 797 -3.67 10.82 -6.24
CA LYS A 797 -2.35 10.75 -5.63
C LYS A 797 -2.05 9.41 -4.97
N THR A 798 -3.09 8.67 -4.61
CA THR A 798 -2.90 7.34 -4.03
C THR A 798 -2.78 6.28 -5.09
N TYR A 799 -3.09 6.62 -6.35
CA TYR A 799 -3.01 5.67 -7.45
C TYR A 799 -1.59 5.16 -7.69
N LEU A 800 -1.52 3.85 -7.99
CA LEU A 800 -0.29 3.19 -8.39
C LEU A 800 -0.52 2.47 -9.71
N HIS A 801 0.32 2.77 -10.71
CA HIS A 801 0.29 2.08 -11.99
C HIS A 801 1.17 0.83 -11.89
N THR A 802 0.55 -0.34 -12.01
CA THR A 802 1.23 -1.58 -11.66
C THR A 802 1.83 -2.39 -12.81
N TYR A 803 1.26 -2.25 -14.02
CA TYR A 803 1.77 -2.96 -15.20
C TYR A 803 1.64 -4.47 -15.03
N GLU A 804 0.62 -4.90 -14.29
CA GLU A 804 0.33 -6.31 -14.10
C GLU A 804 -0.93 -6.60 -14.84
C1 NAG B . 3.60 6.22 8.11
C2 NAG B . 4.75 7.16 7.76
C3 NAG B . 5.67 7.29 8.97
C4 NAG B . 4.88 7.66 10.22
C5 NAG B . 3.67 6.77 10.42
C6 NAG B . 2.74 7.26 11.51
C7 NAG B . 5.57 7.27 5.46
C8 NAG B . 6.49 6.67 4.45
N2 NAG B . 5.49 6.65 6.62
O3 NAG B . 6.65 8.28 8.68
O4 NAG B . 5.71 7.49 11.35
O5 NAG B . 2.88 6.76 9.22
O6 NAG B . 2.24 8.56 11.21
O7 NAG B . 4.94 8.30 5.24
H1 NAG B . 3.97 5.34 8.37
H2 NAG B . 4.38 8.05 7.56
H3 NAG B . 6.12 6.42 9.13
H4 NAG B . 4.59 8.61 10.15
H5 NAG B . 3.97 5.85 10.63
H61 NAG B . 3.23 7.29 12.36
H62 NAG B . 2.00 6.64 11.61
H81 NAG B . 6.91 5.88 4.82
H82 NAG B . 7.17 7.32 4.20
H83 NAG B . 5.98 6.43 3.66
HN2 NAG B . 5.90 5.88 6.72
HO3 NAG B . 6.65 8.83 9.27
HO4 NAG B . 6.04 6.70 11.35
HO6 NAG B . 2.57 8.82 10.45
C1 NAG B . 5.90 8.56 12.19
C2 NAG B . 6.20 8.03 13.58
C3 NAG B . 6.53 9.18 14.52
C4 NAG B . 7.55 10.16 13.92
C5 NAG B . 7.24 10.50 12.47
C6 NAG B . 8.37 11.22 11.78
C7 NAG B . 4.99 5.90 13.90
C8 NAG B . 3.81 5.26 14.58
N2 NAG B . 5.13 7.22 14.12
O3 NAG B . 7.05 8.59 15.70
O4 NAG B . 7.50 11.38 14.65
O5 NAG B . 7.00 9.31 11.71
O6 NAG B . 9.46 10.33 11.52
O7 NAG B . 5.76 5.26 13.18
H1 NAG B . 5.09 9.13 12.21
H2 NAG B . 7.01 7.46 13.51
H3 NAG B . 5.71 9.68 14.73
H4 NAG B . 8.46 9.77 13.99
H5 NAG B . 6.43 11.06 12.45
H61 NAG B . 8.68 11.96 12.34
H62 NAG B . 8.05 11.59 10.93
H81 NAG B . 3.34 5.90 15.11
H82 NAG B . 4.13 4.53 15.13
H83 NAG B . 3.21 4.91 13.89
HN2 NAG B . 4.54 7.62 14.62
HO3 NAG B . 7.80 8.93 15.85
HO6 NAG B . 9.27 9.62 11.79
C1 BMA B . 8.37 11.56 15.72
C2 BMA B . 8.61 13.05 15.91
C3 BMA B . 9.39 13.32 17.18
C4 BMA B . 8.72 12.61 18.35
C5 BMA B . 8.64 11.12 18.04
C6 BMA B . 8.08 10.26 19.14
O2 BMA B . 7.36 13.73 15.94
O3 BMA B . 9.47 14.73 17.38
O4 BMA B . 9.47 12.82 19.55
O5 BMA B . 7.80 10.97 16.89
O6 BMA B . 6.65 10.24 19.14
H1 BMA B . 9.23 11.11 15.52
H2 BMA B . 9.13 13.38 15.15
H3 BMA B . 10.31 12.96 17.08
H4 BMA B . 7.81 12.97 18.47
H5 BMA B . 9.55 10.79 17.82
H61 BMA B . 8.38 10.60 20.01
H62 BMA B . 8.42 9.35 19.04
HO2 BMA B . 6.62 13.10 15.87
HO3 BMA B . 8.82 15.15 16.85
HO6 BMA B . 6.36 11.01 19.35
C1 MAN B . 6.07 9.03 18.75
C2 MAN B . 4.71 8.92 19.43
C3 MAN B . 4.07 7.59 19.10
C4 MAN B . 4.94 6.82 18.13
C5 MAN B . 6.32 6.62 18.75
C6 MAN B . 7.31 5.97 17.81
O2 MAN B . 3.89 10.01 19.03
O3 MAN B . 2.76 7.77 18.58
O4 MAN B . 4.37 5.54 17.85
O5 MAN B . 6.88 7.90 19.13
O6 MAN B . 6.95 4.59 17.55
H1 MAN B . 5.95 9.01 17.77
H2 MAN B . 4.86 8.98 20.39
H3 MAN B . 4.00 7.06 19.94
H4 MAN B . 5.02 7.33 17.28
H5 MAN B . 6.23 6.06 19.56
H61 MAN B . 8.21 6.00 18.19
H62 MAN B . 7.32 6.45 16.96
HO2 MAN B . 3.17 9.81 18.51
HO3 MAN B . 2.71 7.52 17.69
HO4 MAN B . 4.82 5.01 18.10
C8 A1IGZ C . -9.90 -7.64 11.16
N7 A1IGZ C . -3.24 -11.24 16.54
C5 A1IGZ C . -7.32 -7.42 12.16
C6 A1IGZ C . -7.90 -6.35 11.49
N1 A1IGZ C . -4.39 -11.25 13.83
C2 A1IGZ C . -5.68 -10.95 13.66
N2 A1IGZ C . -6.05 -9.82 13.12
N3 A1IGZ C . -3.51 -16.13 11.41
C4 A1IGZ C . -8.04 -8.58 12.39
C1 A1IGZ C . -3.36 -10.31 13.37
C3 A1IGZ C . -7.44 -9.75 13.05
C7 A1IGZ C . -9.16 -6.49 11.00
F1 A1IGZ C . -9.74 -5.46 10.35
C9 A1IGZ C . -9.31 -8.70 11.85
C10 A1IGZ C . -8.08 -10.81 13.62
S1 A1IGZ C . -6.97 -12.01 14.12
C11 A1IGZ C . -4.00 -12.41 14.51
C12 A1IGZ C . -4.10 -13.74 14.13
C13 A1IGZ C . -4.56 -14.39 12.86
C14 A1IGZ C . -4.07 -15.83 12.72
C15 A1IGZ C . -2.61 -17.11 11.24
O1 A1IGZ C . -2.09 -17.68 12.19
C16 A1IGZ C . -2.29 -17.52 9.82
C17 A1IGZ C . -3.33 -17.74 8.91
C18 A1IGZ C . -3.08 -18.10 7.59
C19 A1IGZ C . -1.76 -18.23 7.20
N4 A1IGZ C . -1.15 -18.57 5.99
C20 A1IGZ C . 0.20 -18.58 6.14
O2 A1IGZ C . 1.07 -18.81 5.33
O3 A1IGZ C . 0.47 -18.23 7.45
C21 A1IGZ C . -0.74 -18.02 8.10
C22 A1IGZ C . -0.97 -17.66 9.39
N5 A1IGZ C . -3.59 -14.52 15.16
C23 A1IGZ C . -3.24 -13.66 16.15
C24 A1IGZ C . -2.70 -13.89 17.43
C25 A1IGZ C . -2.44 -12.77 18.22
C26 A1IGZ C . -2.72 -11.48 17.76
C27 A1IGZ C . -2.41 -10.29 18.61
C28 A1IGZ C . -2.69 -8.97 17.91
C29 A1IGZ C . -2.25 -7.80 18.78
N6 A1IGZ C . -2.92 -7.86 20.06
S2 A1IGZ C . -2.95 -6.48 20.96
C30 A1IGZ C . -1.42 -6.40 21.80
O4 A1IGZ C . -4.00 -6.63 21.91
O5 A1IGZ C . -3.02 -5.38 20.05
C31 A1IGZ C . -2.64 -9.10 20.78
C32 A1IGZ C . -3.09 -10.29 19.96
N8 A1IGZ C . -3.47 -12.38 15.78
H6 A1IGZ C . -10.77 -7.71 10.83
H4 A1IGZ C . -6.44 -7.33 12.51
H5 A1IGZ C . -7.42 -5.55 11.36
H13 A1IGZ C . -3.76 -15.65 10.72
H3 A1IGZ C . -3.41 -10.23 12.41
H1 A1IGZ C . -2.48 -10.65 13.61
H2 A1IGZ C . -3.49 -9.45 13.78
H7 A1IGZ C . -9.81 -9.50 11.97
H8 A1IGZ C . -9.01 -10.87 13.73
H9 A1IGZ C . -4.23 -13.85 12.11
H10 A1IGZ C . -5.54 -14.37 12.84
H11 A1IGZ C . -4.83 -16.43 12.87
H12 A1IGZ C . -3.40 -16.01 13.41
H14 A1IGZ C . -4.22 -17.64 9.19
H15 A1IGZ C . -3.78 -18.25 6.99
H16 A1IGZ C . -1.55 -18.78 5.26
H17 A1IGZ C . -0.27 -17.51 9.99
H18 A1IGZ C . -2.51 -14.75 17.72
H19 A1IGZ C . -2.06 -12.90 19.07
H20 A1IGZ C . -1.43 -10.31 18.80
H22 A1IGZ C . -3.64 -8.89 17.72
H21 A1IGZ C . -2.21 -8.94 17.06
H23 A1IGZ C . -2.47 -6.95 18.32
H24 A1IGZ C . -1.27 -7.84 18.91
H27 A1IGZ C . -1.57 -6.45 22.75
H25 A1IGZ C . -0.98 -5.56 21.58
H26 A1IGZ C . -0.85 -7.14 21.53
H28 A1IGZ C . -3.12 -9.10 21.66
H29 A1IGZ C . -1.67 -9.18 20.96
H31 A1IGZ C . -4.07 -10.26 19.84
H30 A1IGZ C . -2.88 -11.12 20.44
ZN ZN D . -1.27 -18.66 3.80
ZN ZN E . -3.21 -14.72 5.33
CA CA F . 14.65 10.23 4.83
I IOD G . 7.72 -13.73 6.58
S SCN H . 8.27 17.40 4.58
C SCN H . 7.39 17.91 5.78
N SCN H . 6.79 18.27 6.69
S SCN I . 17.15 -0.27 10.28
C SCN I . 16.23 0.48 11.33
N SCN I . 15.57 1.06 12.09
S SCN J . -7.50 -24.63 27.79
C SCN J . -8.80 -25.49 27.72
N SCN J . -9.75 -26.11 27.61
S SCN K . -5.17 -16.90 17.64
C SCN K . -5.09 -18.44 17.89
N SCN K . -5.08 -19.56 18.09
S SCN L . -1.04 26.92 -3.49
C SCN L . -0.57 26.57 -4.96
N SCN L . -0.25 26.33 -6.04
S SCN M . 4.02 -2.01 23.64
C SCN M . 5.41 -1.34 23.81
N SCN M . 6.42 -0.82 23.95
S SCN N . -3.58 -5.24 -11.44
C SCN N . -2.52 -5.25 -10.27
N SCN N . -1.71 -5.28 -9.46
S SCN O . -3.61 10.43 10.03
C SCN O . -3.86 9.68 8.66
N SCN O . -4.07 9.17 7.63
C1 GOL P . 21.36 -4.08 -4.78
O1 GOL P . 20.96 -3.91 -3.41
C2 GOL P . 20.20 -4.50 -5.67
O2 GOL P . 19.39 -3.36 -5.95
C3 GOL P . 20.64 -5.12 -6.97
O3 GOL P . 20.14 -6.44 -7.16
H11 GOL P . 22.07 -4.76 -4.82
H12 GOL P . 21.73 -3.22 -5.10
HO1 GOL P . 21.60 -3.70 -2.95
H2 GOL P . 19.66 -5.15 -5.18
HO2 GOL P . 19.28 -3.27 -6.77
H31 GOL P . 21.63 -5.14 -7.00
H32 GOL P . 20.33 -4.55 -7.71
HO3 GOL P . 19.23 -6.39 -7.16
S SCN Q . 1.66 4.88 -19.19
C SCN Q . 3.12 4.65 -18.69
N SCN Q . 4.20 4.54 -18.32
S SCN R . 21.43 12.41 -19.99
C SCN R . 20.56 13.67 -19.60
N SCN R . 19.95 14.56 -19.29
S SCN S . -13.75 9.87 -6.93
C SCN S . -13.16 8.49 -7.43
N SCN S . -12.71 7.49 -7.76
S SCN T . 8.84 -9.43 -8.34
C SCN T . 8.03 -10.67 -8.90
N SCN T . 7.42 -11.55 -9.33
C1 GOL U . -24.98 0.11 1.13
O1 GOL U . -23.76 -0.62 1.12
C2 GOL U . -26.13 -0.70 0.57
O2 GOL U . -26.18 -1.99 1.18
C3 GOL U . -27.47 -0.01 0.75
O3 GOL U . -27.36 1.41 0.75
H11 GOL U . -24.87 0.93 0.60
H12 GOL U . -25.19 0.37 2.05
HO1 GOL U . -23.15 -0.13 1.44
H2 GOL U . -25.99 -0.82 -0.40
HO2 GOL U . -26.94 -2.09 1.51
H31 GOL U . -27.86 -0.30 1.61
H32 GOL U . -28.09 -0.28 0.03
HO3 GOL U . -26.95 1.64 0.04
S SCN V . -10.19 8.02 3.57
C SCN V . -11.77 8.12 3.80
N SCN V . -12.90 8.17 4.02
S SCN W . -15.13 -17.43 39.64
C SCN W . -15.29 -16.13 38.78
N SCN W . -15.50 -15.19 38.16
S SCN X . 21.71 -12.82 14.39
C SCN X . 20.64 -13.49 15.32
N SCN X . 19.85 -13.95 16.00
S SCN Y . 25.53 14.73 -22.11
C SCN Y . 25.59 14.88 -20.54
N SCN Y . 25.82 15.08 -19.42
S SCN Z . 35.88 22.04 -24.10
C SCN Z . 35.91 22.89 -25.44
N SCN Z . 35.99 23.54 -26.39
S SCN AA . 7.06 3.65 -14.05
C SCN AA . 5.64 4.25 -13.77
N SCN AA . 4.56 4.68 -13.71
S SCN BA . -5.91 19.19 -16.83
C SCN BA . -5.30 20.14 -17.95
N SCN BA . -5.00 20.80 -18.87
S SCN CA . -0.16 -1.15 21.54
C SCN CA . -0.93 0.16 21.13
N SCN CA . -1.51 1.11 20.85
S SCN DA . -1.10 7.89 23.25
C SCN DA . -2.40 7.72 24.14
N SCN DA . -3.34 7.61 24.79
S SCN EA . -29.83 -14.03 15.61
C SCN EA . -29.00 -15.19 16.29
N SCN EA . -28.39 -15.96 16.87
S SCN FA . 16.25 24.73 -13.71
C SCN FA . 16.75 25.45 -15.02
N SCN FA . 17.06 25.93 -16.02
S SCN GA . 13.54 26.11 -22.79
C SCN GA . 14.29 24.76 -23.15
N SCN GA . 14.84 23.81 -23.52
S SCN HA . 5.28 -2.70 3.23
C SCN HA . 6.05 -2.26 4.56
N SCN HA . 6.52 -1.99 5.59
S SCN IA . 14.27 -10.46 -11.61
C SCN IA . 14.51 -11.94 -11.11
N SCN IA . 14.61 -13.01 -10.72
#